data_6UF8
# 
_entry.id   6UF8 
# 
_audit_conform.dict_name       mmcif_pdbx.dic 
_audit_conform.dict_version    5.397 
_audit_conform.dict_location   http://mmcif.pdb.org/dictionaries/ascii/mmcif_pdbx.dic 
# 
loop_
_database_2.database_id 
_database_2.database_code 
_database_2.pdbx_database_accession 
_database_2.pdbx_DOI 
PDB   6UF8         pdb_00006uf8 10.2210/pdb6uf8/pdb 
WWPDB D_1000244518 ?            ?                   
# 
loop_
_pdbx_audit_revision_history.ordinal 
_pdbx_audit_revision_history.data_content_type 
_pdbx_audit_revision_history.major_revision 
_pdbx_audit_revision_history.minor_revision 
_pdbx_audit_revision_history.revision_date 
1 'Structure model' 1 0 2020-12-02 
2 'Structure model' 1 1 2024-10-23 
# 
_pdbx_audit_revision_details.ordinal             1 
_pdbx_audit_revision_details.revision_ordinal    1 
_pdbx_audit_revision_details.data_content_type   'Structure model' 
_pdbx_audit_revision_details.provider            repository 
_pdbx_audit_revision_details.type                'Initial release' 
_pdbx_audit_revision_details.description         ? 
_pdbx_audit_revision_details.details             ? 
# 
loop_
_pdbx_audit_revision_group.ordinal 
_pdbx_audit_revision_group.revision_ordinal 
_pdbx_audit_revision_group.data_content_type 
_pdbx_audit_revision_group.group 
1 2 'Structure model' 'Data collection'     
2 2 'Structure model' 'Database references' 
3 2 'Structure model' 'Structure summary'   
# 
loop_
_pdbx_audit_revision_category.ordinal 
_pdbx_audit_revision_category.revision_ordinal 
_pdbx_audit_revision_category.data_content_type 
_pdbx_audit_revision_category.category 
1 2 'Structure model' chem_comp_atom            
2 2 'Structure model' chem_comp_bond            
3 2 'Structure model' database_2                
4 2 'Structure model' pdbx_entry_details        
5 2 'Structure model' pdbx_modification_feature 
# 
loop_
_pdbx_audit_revision_item.ordinal 
_pdbx_audit_revision_item.revision_ordinal 
_pdbx_audit_revision_item.data_content_type 
_pdbx_audit_revision_item.item 
1 2 'Structure model' '_database_2.pdbx_DOI'                         
2 2 'Structure model' '_database_2.pdbx_database_accession'          
3 2 'Structure model' '_pdbx_entry_details.has_protein_modification' 
# 
_pdbx_database_status.status_code                     REL 
_pdbx_database_status.status_code_sf                  REL 
_pdbx_database_status.status_code_mr                  ? 
_pdbx_database_status.entry_id                        6UF8 
_pdbx_database_status.recvd_initial_deposition_date   2019-09-23 
_pdbx_database_status.SG_entry                        N 
_pdbx_database_status.deposit_site                    RCSB 
_pdbx_database_status.process_site                    RCSB 
_pdbx_database_status.status_code_cs                  ? 
_pdbx_database_status.methods_development_category    ? 
_pdbx_database_status.pdb_format_compatible           Y 
_pdbx_database_status.status_code_nmr_data            ? 
# 
loop_
_audit_author.name 
_audit_author.pdbx_ordinal 
_audit_author.identifier_ORCID 
'Mulligan, V.K.'  1 0000-0001-6038-8922 
'Kang, C.S.'      2 0000-0003-0959-0783 
'Antselovich, I.' 3 0000-0002-2208-9937 
'Sawaya, M.R.'    4 0000-0003-0874-9043 
'Yeates, T.O.'    5 0000-0001-5709-9839 
'Baker, D.'       6 0000-0001-7896-6217 
# 
_citation.abstract                  ? 
_citation.abstract_id_CAS           ? 
_citation.book_id_ISBN              ? 
_citation.book_publisher            ? 
_citation.book_publisher_city       ? 
_citation.book_title                ? 
_citation.coordinate_linkage        ? 
_citation.country                   US 
_citation.database_id_Medline       ? 
_citation.details                   ? 
_citation.id                        primary 
_citation.journal_abbrev            'Protein Sci.' 
_citation.journal_id_ASTM           PRCIEI 
_citation.journal_id_CSD            0795 
_citation.journal_id_ISSN           1469-896X 
_citation.journal_full              ? 
_citation.journal_issue             ? 
_citation.journal_volume            29 
_citation.language                  ? 
_citation.page_first                2433 
_citation.page_last                 2445 
_citation.title                     'Computational design of mixed chirality peptide macrocycles with internal symmetry.' 
_citation.year                      2020 
_citation.database_id_CSD           ? 
_citation.pdbx_database_id_DOI      10.1002/pro.3974 
_citation.pdbx_database_id_PubMed   33058266 
_citation.unpublished_flag          ? 
# 
loop_
_citation_author.citation_id 
_citation_author.name 
_citation_author.ordinal 
_citation_author.identifier_ORCID 
primary 'Mulligan, V.K.'  1  0000-0001-6038-8922 
primary 'Kang, C.S.'      2  0000-0003-0959-0783 
primary 'Sawaya, M.R.'    3  ?                   
primary 'Rettie, S.'      4  ?                   
primary 'Li, X.'          5  ?                   
primary 'Antselovich, I.' 6  ?                   
primary 'Craven, T.W.'    7  ?                   
primary 'Watkins, A.M.'   8  ?                   
primary 'Labonte, J.W.'   9  ?                   
primary 'DiMaio, F.'      10 ?                   
primary 'Yeates, T.O.'    11 0000-0001-5709-9839 
primary 'Baker, D.'       12 ?                   
# 
loop_
_entity.id 
_entity.type 
_entity.src_method 
_entity.pdbx_description 
_entity.formula_weight 
_entity.pdbx_number_of_molecules 
_entity.pdbx_ec 
_entity.pdbx_mutation 
_entity.pdbx_fragment 
_entity.details 
1 polymer syn 'S2-6, London Bridge' 1374.480 1  ? ? ? 
'The asymmetric unit contains half of the molecule. The second half is generated by a crystallographic symmetry operator.' 
2 water   nat water                 18.015   12 ? ? ? ? 
# 
_entity_poly.entity_id                      1 
_entity_poly.type                           'polypeptide(D)' 
_entity_poly.nstd_linkage                   no 
_entity_poly.nstd_monomer                   yes 
_entity_poly.pdbx_seq_one_letter_code       '(DAL)N(DLY)(DHI)P(DGL)A(DSG)KH(DPR)E' 
_entity_poly.pdbx_seq_one_letter_code_can   ANKHPEANKHPE 
_entity_poly.pdbx_strand_id                 A 
_entity_poly.pdbx_target_identifier         ? 
# 
_pdbx_entity_nonpoly.entity_id   2 
_pdbx_entity_nonpoly.name        water 
_pdbx_entity_nonpoly.comp_id     HOH 
# 
loop_
_entity_poly_seq.entity_id 
_entity_poly_seq.num 
_entity_poly_seq.mon_id 
_entity_poly_seq.hetero 
1 1  DAL n 
1 2  ASN n 
1 3  DLY n 
1 4  DHI n 
1 5  PRO n 
1 6  DGL n 
1 7  ALA n 
1 8  DSG n 
1 9  LYS n 
1 10 HIS n 
1 11 DPR n 
1 12 GLU n 
# 
_pdbx_entity_src_syn.entity_id              1 
_pdbx_entity_src_syn.pdbx_src_id            1 
_pdbx_entity_src_syn.pdbx_alt_source_flag   sample 
_pdbx_entity_src_syn.pdbx_beg_seq_num       1 
_pdbx_entity_src_syn.pdbx_end_seq_num       12 
_pdbx_entity_src_syn.organism_scientific    'synthetic construct' 
_pdbx_entity_src_syn.organism_common_name   ? 
_pdbx_entity_src_syn.ncbi_taxonomy_id       32630 
_pdbx_entity_src_syn.details                'ab initio design' 
# 
loop_
_chem_comp.id 
_chem_comp.type 
_chem_comp.mon_nstd_flag 
_chem_comp.name 
_chem_comp.pdbx_synonyms 
_chem_comp.formula 
_chem_comp.formula_weight 
ALA 'L-peptide linking' y ALANINE           ? 'C3 H7 N O2'     89.093  
ASN 'L-peptide linking' y ASPARAGINE        ? 'C4 H8 N2 O3'    132.118 
DAL 'D-peptide linking' . D-ALANINE         ? 'C3 H7 N O2'     89.093  
DGL 'D-peptide linking' . 'D-GLUTAMIC ACID' ? 'C5 H9 N O4'     147.129 
DHI 'D-peptide linking' . D-HISTIDINE       ? 'C6 H10 N3 O2 1' 156.162 
DLY 'D-peptide linking' . D-LYSINE          ? 'C6 H14 N2 O2'   146.188 
DPR 'D-peptide linking' . D-PROLINE         ? 'C5 H9 N O2'     115.130 
DSG 'D-peptide linking' . D-ASPARAGINE      ? 'C4 H8 N2 O3'    132.118 
GLU 'L-peptide linking' y 'GLUTAMIC ACID'   ? 'C5 H9 N O4'     147.129 
HIS 'L-peptide linking' y HISTIDINE         ? 'C6 H10 N3 O2 1' 156.162 
HOH non-polymer         . WATER             ? 'H2 O'           18.015  
LYS 'L-peptide linking' y LYSINE            ? 'C6 H15 N2 O2 1' 147.195 
PRO 'L-peptide linking' y PROLINE           ? 'C5 H9 N O2'     115.130 
# 
loop_
_pdbx_poly_seq_scheme.asym_id 
_pdbx_poly_seq_scheme.entity_id 
_pdbx_poly_seq_scheme.seq_id 
_pdbx_poly_seq_scheme.mon_id 
_pdbx_poly_seq_scheme.ndb_seq_num 
_pdbx_poly_seq_scheme.pdb_seq_num 
_pdbx_poly_seq_scheme.auth_seq_num 
_pdbx_poly_seq_scheme.pdb_mon_id 
_pdbx_poly_seq_scheme.auth_mon_id 
_pdbx_poly_seq_scheme.pdb_strand_id 
_pdbx_poly_seq_scheme.pdb_ins_code 
_pdbx_poly_seq_scheme.hetero 
A 1 1  DAL 1  1  1 DAL DAL A . n 
A 1 2  ASN 2  2  2 ASN ASN A . n 
A 1 3  DLY 3  3  3 DLY DLY A . n 
A 1 4  DHI 4  4  4 DHI DHI A . n 
A 1 5  PRO 5  5  5 PRO PRO A . n 
A 1 6  DGL 6  6  6 DGL DGL A . n 
A 1 7  ALA 7  7  ? ?   ?   A . n 
A 1 8  DSG 8  8  ? ?   ?   A . n 
A 1 9  LYS 9  9  ? ?   ?   A . n 
A 1 10 HIS 10 10 ? ?   ?   A . n 
A 1 11 DPR 11 11 ? ?   ?   A . n 
A 1 12 GLU 12 12 ? ?   ?   A . n 
# 
loop_
_pdbx_nonpoly_scheme.asym_id 
_pdbx_nonpoly_scheme.entity_id 
_pdbx_nonpoly_scheme.mon_id 
_pdbx_nonpoly_scheme.ndb_seq_num 
_pdbx_nonpoly_scheme.pdb_seq_num 
_pdbx_nonpoly_scheme.auth_seq_num 
_pdbx_nonpoly_scheme.pdb_mon_id 
_pdbx_nonpoly_scheme.auth_mon_id 
_pdbx_nonpoly_scheme.pdb_strand_id 
_pdbx_nonpoly_scheme.pdb_ins_code 
B 2 HOH 1  101 23 HOH HOH A . 
B 2 HOH 2  102 24 HOH HOH A . 
B 2 HOH 3  103 27 HOH HOH A . 
B 2 HOH 4  104 26 HOH HOH A . 
B 2 HOH 5  105 25 HOH HOH A . 
B 2 HOH 6  106 22 HOH HOH A . 
B 2 HOH 7  107 31 HOH HOH A . 
B 2 HOH 8  108 28 HOH HOH A . 
B 2 HOH 9  109 29 HOH HOH A . 
B 2 HOH 10 110 32 HOH HOH A . 
B 2 HOH 11 111 30 HOH HOH A . 
B 2 HOH 12 112 21 HOH HOH A . 
# 
loop_
_software.citation_id 
_software.classification 
_software.compiler_name 
_software.compiler_version 
_software.contact_author 
_software.contact_author_email 
_software.date 
_software.description 
_software.dependencies 
_software.hardware 
_software.language 
_software.location 
_software.mods 
_software.name 
_software.os 
_software.os_version 
_software.type 
_software.version 
_software.pdbx_ordinal 
? 'data reduction'  ? ? ? ? ? ? ? ? ? ? ? XDS         ? ? ? 20170923  1 
? 'data scaling'    ? ? ? ? ? ? ? ? ? ? ? XSCALE      ? ? ? 20170923  2 
? refinement        ? ? ? ? ? ? ? ? ? ? ? PHENIX      ? ? ? 1.16-3549 3 
? 'data extraction' ? ? ? ? ? ? ? ? ? ? ? PDB_EXTRACT ? ? ? 3.25      4 
? phasing           ? ? ? ? ? ? ? ? ? ? ? SHELXD      ? ? ? .         5 
# 
_cell.angle_alpha                  90.000 
_cell.angle_alpha_esd              ? 
_cell.angle_beta                   90.000 
_cell.angle_beta_esd               ? 
_cell.angle_gamma                  120.000 
_cell.angle_gamma_esd              ? 
_cell.entry_id                     6UF8 
_cell.details                      ? 
_cell.formula_units_Z              ? 
_cell.length_a                     32.720 
_cell.length_a_esd                 ? 
_cell.length_b                     32.720 
_cell.length_b_esd                 ? 
_cell.length_c                     25.440 
_cell.length_c_esd                 ? 
_cell.volume                       23587.090 
_cell.volume_esd                   ? 
_cell.Z_PDB                        18 
_cell.reciprocal_angle_alpha       ? 
_cell.reciprocal_angle_beta        ? 
_cell.reciprocal_angle_gamma       ? 
_cell.reciprocal_angle_alpha_esd   ? 
_cell.reciprocal_angle_beta_esd    ? 
_cell.reciprocal_angle_gamma_esd   ? 
_cell.reciprocal_length_a          ? 
_cell.reciprocal_length_b          ? 
_cell.reciprocal_length_c          ? 
_cell.reciprocal_length_a_esd      ? 
_cell.reciprocal_length_b_esd      ? 
_cell.reciprocal_length_c_esd      ? 
_cell.pdbx_unique_axis             ? 
# 
_symmetry.entry_id                         6UF8 
_symmetry.cell_setting                     ? 
_symmetry.Int_Tables_number                148 
_symmetry.space_group_name_Hall            '-R 3' 
_symmetry.space_group_name_H-M             'H -3' 
_symmetry.pdbx_full_space_group_name_H-M   ? 
# 
_exptl.absorpt_coefficient_mu     ? 
_exptl.absorpt_correction_T_max   ? 
_exptl.absorpt_correction_T_min   ? 
_exptl.absorpt_correction_type    ? 
_exptl.absorpt_process_details    ? 
_exptl.entry_id                   6UF8 
_exptl.crystals_number            1 
_exptl.details                    ? 
_exptl.method                     'X-RAY DIFFRACTION' 
_exptl.method_details             ? 
# 
_exptl_crystal.colour                      ? 
_exptl_crystal.density_diffrn              ? 
_exptl_crystal.density_Matthews            1.88 
_exptl_crystal.density_method              ? 
_exptl_crystal.density_percent_sol         34.69 
_exptl_crystal.description                 ? 
_exptl_crystal.F_000                       ? 
_exptl_crystal.id                          1 
_exptl_crystal.preparation                 ? 
_exptl_crystal.size_max                    ? 
_exptl_crystal.size_mid                    ? 
_exptl_crystal.size_min                    ? 
_exptl_crystal.size_rad                    ? 
_exptl_crystal.colour_lustre               ? 
_exptl_crystal.colour_modifier             ? 
_exptl_crystal.colour_primary              ? 
_exptl_crystal.density_meas                ? 
_exptl_crystal.density_meas_esd            ? 
_exptl_crystal.density_meas_gt             ? 
_exptl_crystal.density_meas_lt             ? 
_exptl_crystal.density_meas_temp           ? 
_exptl_crystal.density_meas_temp_esd       ? 
_exptl_crystal.density_meas_temp_gt        ? 
_exptl_crystal.density_meas_temp_lt        ? 
_exptl_crystal.pdbx_crystal_image_url      ? 
_exptl_crystal.pdbx_crystal_image_format   ? 
_exptl_crystal.pdbx_mosaicity              ? 
_exptl_crystal.pdbx_mosaicity_esd          ? 
# 
_exptl_crystal_grow.apparatus       ? 
_exptl_crystal_grow.atmosphere      ? 
_exptl_crystal_grow.crystal_id      1 
_exptl_crystal_grow.details         ? 
_exptl_crystal_grow.method          'VAPOR DIFFUSION, HANGING DROP' 
_exptl_crystal_grow.method_ref      ? 
_exptl_crystal_grow.pH              4.2 
_exptl_crystal_grow.pressure        ? 
_exptl_crystal_grow.pressure_esd    ? 
_exptl_crystal_grow.seeding         ? 
_exptl_crystal_grow.seeding_ref     ? 
_exptl_crystal_grow.temp            298 
_exptl_crystal_grow.temp_details    ? 
_exptl_crystal_grow.temp_esd        ? 
_exptl_crystal_grow.time            ? 
_exptl_crystal_grow.pdbx_details    '0.1 M phosphate/citrate pH 4.2, 40% (v/v) PEG 300' 
_exptl_crystal_grow.pdbx_pH_range   ? 
# 
_diffrn.ambient_environment              ? 
_diffrn.ambient_temp                     100 
_diffrn.ambient_temp_details             ? 
_diffrn.ambient_temp_esd                 ? 
_diffrn.crystal_id                       1 
_diffrn.crystal_support                  ? 
_diffrn.crystal_treatment                ? 
_diffrn.details                          ? 
_diffrn.id                               1 
_diffrn.ambient_pressure                 ? 
_diffrn.ambient_pressure_esd             ? 
_diffrn.ambient_pressure_gt              ? 
_diffrn.ambient_pressure_lt              ? 
_diffrn.ambient_temp_gt                  ? 
_diffrn.ambient_temp_lt                  ? 
_diffrn.pdbx_serial_crystal_experiment   N 
# 
_diffrn_detector.details                      ? 
_diffrn_detector.detector                     PIXEL 
_diffrn_detector.diffrn_id                    1 
_diffrn_detector.type                         'DECTRIS PILATUS 6M-F' 
_diffrn_detector.area_resol_mean              ? 
_diffrn_detector.dtime                        ? 
_diffrn_detector.pdbx_frames_total            ? 
_diffrn_detector.pdbx_collection_time_total   ? 
_diffrn_detector.pdbx_collection_date         2017-10-25 
_diffrn_detector.pdbx_frequency               ? 
# 
_diffrn_radiation.collimation                      ? 
_diffrn_radiation.diffrn_id                        1 
_diffrn_radiation.filter_edge                      ? 
_diffrn_radiation.inhomogeneity                    ? 
_diffrn_radiation.monochromator                    'Si (111)' 
_diffrn_radiation.polarisn_norm                    ? 
_diffrn_radiation.polarisn_ratio                   ? 
_diffrn_radiation.probe                            ? 
_diffrn_radiation.type                             ? 
_diffrn_radiation.xray_symbol                      ? 
_diffrn_radiation.wavelength_id                    1 
_diffrn_radiation.pdbx_monochromatic_or_laue_m_l   M 
_diffrn_radiation.pdbx_wavelength_list             ? 
_diffrn_radiation.pdbx_wavelength                  ? 
_diffrn_radiation.pdbx_diffrn_protocol             'SINGLE WAVELENGTH' 
_diffrn_radiation.pdbx_analyzer                    ? 
_diffrn_radiation.pdbx_scattering_type             x-ray 
# 
_diffrn_radiation_wavelength.id           1 
_diffrn_radiation_wavelength.wavelength   0.8856 
_diffrn_radiation_wavelength.wt           1.0 
# 
_diffrn_source.current                     ? 
_diffrn_source.details                     ? 
_diffrn_source.diffrn_id                   1 
_diffrn_source.power                       ? 
_diffrn_source.size                        ? 
_diffrn_source.source                      SYNCHROTRON 
_diffrn_source.target                      ? 
_diffrn_source.type                        'APS BEAMLINE 24-ID-C' 
_diffrn_source.voltage                     ? 
_diffrn_source.take-off_angle              ? 
_diffrn_source.pdbx_wavelength_list        0.8856 
_diffrn_source.pdbx_wavelength             ? 
_diffrn_source.pdbx_synchrotron_beamline   24-ID-C 
_diffrn_source.pdbx_synchrotron_site       APS 
# 
_reflns.B_iso_Wilson_estimate            9.919 
_reflns.entry_id                         6UF8 
_reflns.data_reduction_details           ? 
_reflns.data_reduction_method            ? 
_reflns.d_resolution_high                0.800 
_reflns.d_resolution_low                 18.93 
_reflns.details                          ? 
_reflns.limit_h_max                      ? 
_reflns.limit_h_min                      ? 
_reflns.limit_k_max                      ? 
_reflns.limit_k_min                      ? 
_reflns.limit_l_max                      ? 
_reflns.limit_l_min                      ? 
_reflns.number_all                       ? 
_reflns.number_obs                       10306 
_reflns.observed_criterion               ? 
_reflns.observed_criterion_F_max         ? 
_reflns.observed_criterion_F_min         ? 
_reflns.observed_criterion_I_max         ? 
_reflns.observed_criterion_I_min         ? 
_reflns.observed_criterion_sigma_F       ? 
_reflns.observed_criterion_sigma_I       ? 
_reflns.percent_possible_obs             96.100 
_reflns.R_free_details                   ? 
_reflns.Rmerge_F_all                     ? 
_reflns.Rmerge_F_obs                     ? 
_reflns.Friedel_coverage                 ? 
_reflns.number_gt                        ? 
_reflns.threshold_expression             ? 
_reflns.pdbx_redundancy                  5.695 
_reflns.pdbx_Rmerge_I_obs                0.056 
_reflns.pdbx_Rmerge_I_all                ? 
_reflns.pdbx_Rsym_value                  ? 
_reflns.pdbx_netI_over_av_sigmaI         ? 
_reflns.pdbx_netI_over_sigmaI            18.880 
_reflns.pdbx_res_netI_over_av_sigmaI_2   ? 
_reflns.pdbx_res_netI_over_sigmaI_2      ? 
_reflns.pdbx_chi_squared                 1.062 
_reflns.pdbx_scaling_rejects             ? 
_reflns.pdbx_d_res_high_opt              ? 
_reflns.pdbx_d_res_low_opt               ? 
_reflns.pdbx_d_res_opt_method            ? 
_reflns.phase_calculation_details        ? 
_reflns.pdbx_Rrim_I_all                  0.060 
_reflns.pdbx_Rpim_I_all                  ? 
_reflns.pdbx_d_opt                       ? 
_reflns.pdbx_number_measured_all         ? 
_reflns.pdbx_diffrn_id                   1 
_reflns.pdbx_ordinal                     1 
_reflns.pdbx_CC_half                     0.996 
_reflns.pdbx_R_split                     ? 
# 
loop_
_reflns_shell.d_res_high 
_reflns_shell.d_res_low 
_reflns_shell.meanI_over_sigI_all 
_reflns_shell.meanI_over_sigI_obs 
_reflns_shell.number_measured_all 
_reflns_shell.number_measured_obs 
_reflns_shell.number_possible 
_reflns_shell.number_unique_all 
_reflns_shell.number_unique_obs 
_reflns_shell.percent_possible_all 
_reflns_shell.percent_possible_obs 
_reflns_shell.Rmerge_F_all 
_reflns_shell.Rmerge_F_obs 
_reflns_shell.Rmerge_I_all 
_reflns_shell.Rmerge_I_obs 
_reflns_shell.meanI_over_sigI_gt 
_reflns_shell.meanI_over_uI_all 
_reflns_shell.meanI_over_uI_gt 
_reflns_shell.number_measured_gt 
_reflns_shell.number_unique_gt 
_reflns_shell.percent_possible_gt 
_reflns_shell.Rmerge_F_gt 
_reflns_shell.Rmerge_I_gt 
_reflns_shell.pdbx_redundancy 
_reflns_shell.pdbx_Rsym_value 
_reflns_shell.pdbx_chi_squared 
_reflns_shell.pdbx_netI_over_sigmaI_all 
_reflns_shell.pdbx_netI_over_sigmaI_obs 
_reflns_shell.pdbx_Rrim_I_all 
_reflns_shell.pdbx_Rpim_I_all 
_reflns_shell.pdbx_rejects 
_reflns_shell.pdbx_ordinal 
_reflns_shell.pdbx_diffrn_id 
_reflns_shell.pdbx_CC_half 
_reflns_shell.pdbx_R_split 
0.800 0.820 ? 2.540  ? ? ? ? 474 60.800  ? ? ? ? 0.280 ? ? ? ? ? ? ? ? 2.211  ? ? ? ? 0.364 ? ? 1  1 0.909 ? 
0.820 0.840 ? 4.000  ? ? ? ? 763 96.700  ? ? ? ? 0.211 ? ? ? ? ? ? ? ? 3.058  ? ? ? ? 0.257 ? ? 2  1 0.956 ? 
0.840 0.870 ? 5.400  ? ? ? ? 727 97.200  ? ? ? ? 0.147 ? ? ? ? ? ? ? ? 3.298  ? ? ? ? 0.176 ? ? 3  1 0.985 ? 
0.870 0.890 ? 7.870  ? ? ? ? 718 98.200  ? ? ? ? 0.098 ? ? ? ? ? ? ? ? 3.493  ? ? ? ? 0.116 ? ? 4  1 0.992 ? 
0.890 0.920 ? 9.740  ? ? ? ? 701 99.700  ? ? ? ? 0.088 ? ? ? ? ? ? ? ? 4.051  ? ? ? ? 0.102 ? ? 5  1 0.993 ? 
0.920 0.960 ? 11.960 ? ? ? ? 662 99.300  ? ? ? ? 0.074 ? ? ? ? ? ? ? ? 4.340  ? ? ? ? 0.084 ? ? 6  1 0.995 ? 
0.960 0.990 ? 15.310 ? ? ? ? 690 100.000 ? ? ? ? 0.068 ? ? ? ? ? ? ? ? 5.296  ? ? ? ? 0.075 ? ? 7  1 0.997 ? 
0.990 1.030 ? 18.130 ? ? ? ? 620 99.200  ? ? ? ? 0.060 ? ? ? ? ? ? ? ? 5.477  ? ? ? ? 0.067 ? ? 8  1 0.996 ? 
1.030 1.080 ? 21.450 ? ? ? ? 617 99.500  ? ? ? ? 0.056 ? ? ? ? ? ? ? ? 5.713  ? ? ? ? 0.062 ? ? 9  1 0.997 ? 
1.080 1.130 ? 23.020 ? ? ? ? 568 99.800  ? ? ? ? 0.054 ? ? ? ? ? ? ? ? 6.040  ? ? ? ? 0.059 ? ? 10 1 0.998 ? 
1.130 1.190 ? 23.960 ? ? ? ? 538 98.500  ? ? ? ? 0.050 ? ? ? ? ? ? ? ? 6.019  ? ? ? ? 0.055 ? ? 11 1 0.997 ? 
1.190 1.270 ? 26.680 ? ? ? ? 529 100.000 ? ? ? ? 0.050 ? ? ? ? ? ? ? ? 6.991  ? ? ? ? 0.055 ? ? 12 1 0.995 ? 
1.270 1.350 ? 28.040 ? ? ? ? 501 99.800  ? ? ? ? 0.048 ? ? ? ? ? ? ? ? 7.395  ? ? ? ? 0.052 ? ? 13 1 0.998 ? 
1.350 1.460 ? 31.280 ? ? ? ? 444 98.000  ? ? ? ? 0.046 ? ? ? ? ? ? ? ? 8.599  ? ? ? ? 0.049 ? ? 14 1 0.999 ? 
1.460 1.600 ? 36.380 ? ? ? ? 433 100.000 ? ? ? ? 0.047 ? ? ? ? ? ? ? ? 10.155 ? ? ? ? 0.049 ? ? 15 1 0.999 ? 
1.600 1.790 ? 36.730 ? ? ? ? 370 100.000 ? ? ? ? 0.051 ? ? ? ? ? ? ? ? 9.859  ? ? ? ? 0.053 ? ? 16 1 0.999 ? 
1.790 2.070 ? 35.510 ? ? ? ? 339 98.800  ? ? ? ? 0.051 ? ? ? ? ? ? ? ? 9.012  ? ? ? ? 0.054 ? ? 17 1 0.998 ? 
2.070 2.530 ? 37.970 ? ? ? ? 285 100.000 ? ? ? ? 0.058 ? ? ? ? ? ? ? ? 9.596  ? ? ? ? 0.062 ? ? 18 1 0.996 ? 
2.530 3.580 ? 34.420 ? ? ? ? 214 98.200  ? ? ? ? 0.062 ? ? ? ? ? ? ? ? 7.958  ? ? ? ? 0.068 ? ? 19 1 0.992 ? 
3.580 18.93 ? 29.640 ? ? ? ? 113 95.000  ? ? ? ? 0.067 ? ? ? ? ? ? ? ? 6.062  ? ? ? ? 0.076 ? ? 20 1 0.988 ? 
# 
_refine.aniso_B[1][1]                            ? 
_refine.aniso_B[1][2]                            ? 
_refine.aniso_B[1][3]                            ? 
_refine.aniso_B[2][2]                            ? 
_refine.aniso_B[2][3]                            ? 
_refine.aniso_B[3][3]                            ? 
_refine.B_iso_max                                ? 
_refine.B_iso_mean                               15.27 
_refine.B_iso_min                                ? 
_refine.correlation_coeff_Fo_to_Fc               ? 
_refine.correlation_coeff_Fo_to_Fc_free          ? 
_refine.details                                  ? 
_refine.diff_density_max                         ? 
_refine.diff_density_max_esd                     ? 
_refine.diff_density_min                         ? 
_refine.diff_density_min_esd                     ? 
_refine.diff_density_rms                         ? 
_refine.diff_density_rms_esd                     ? 
_refine.entry_id                                 6UF8 
_refine.pdbx_refine_id                           'X-RAY DIFFRACTION' 
_refine.ls_abs_structure_details                 ? 
_refine.ls_abs_structure_Flack                   ? 
_refine.ls_abs_structure_Flack_esd               ? 
_refine.ls_abs_structure_Rogers                  ? 
_refine.ls_abs_structure_Rogers_esd              ? 
_refine.ls_d_res_high                            0.80 
_refine.ls_d_res_low                             16.36 
_refine.ls_extinction_coef                       ? 
_refine.ls_extinction_coef_esd                   ? 
_refine.ls_extinction_expression                 ? 
_refine.ls_extinction_method                     ? 
_refine.ls_goodness_of_fit_all                   ? 
_refine.ls_goodness_of_fit_all_esd               ? 
_refine.ls_goodness_of_fit_obs                   ? 
_refine.ls_goodness_of_fit_obs_esd               ? 
_refine.ls_hydrogen_treatment                    ? 
_refine.ls_matrix_type                           ? 
_refine.ls_number_constraints                    ? 
_refine.ls_number_parameters                     ? 
_refine.ls_number_reflns_all                     ? 
_refine.ls_number_reflns_obs                     10290 
_refine.ls_number_reflns_R_free                  1019 
_refine.ls_number_reflns_R_work                  ? 
_refine.ls_number_restraints                     ? 
_refine.ls_percent_reflns_obs                    96.01 
_refine.ls_percent_reflns_R_free                 9.90 
_refine.ls_R_factor_all                          ? 
_refine.ls_R_factor_obs                          0.1460 
_refine.ls_R_factor_R_free                       0.1483 
_refine.ls_R_factor_R_free_error                 ? 
_refine.ls_R_factor_R_free_error_details         ? 
_refine.ls_R_factor_R_work                       0.1458 
_refine.ls_R_Fsqd_factor_obs                     ? 
_refine.ls_R_I_factor_obs                        ? 
_refine.ls_redundancy_reflns_all                 ? 
_refine.ls_redundancy_reflns_obs                 ? 
_refine.ls_restrained_S_all                      ? 
_refine.ls_restrained_S_obs                      ? 
_refine.ls_shift_over_esd_max                    ? 
_refine.ls_shift_over_esd_mean                   ? 
_refine.ls_structure_factor_coef                 ? 
_refine.ls_weighting_details                     ? 
_refine.ls_weighting_scheme                      ? 
_refine.ls_wR_factor_all                         ? 
_refine.ls_wR_factor_obs                         ? 
_refine.ls_wR_factor_R_free                      ? 
_refine.ls_wR_factor_R_work                      ? 
_refine.occupancy_max                            ? 
_refine.occupancy_min                            ? 
_refine.solvent_model_details                    ? 
_refine.solvent_model_param_bsol                 ? 
_refine.solvent_model_param_ksol                 ? 
_refine.ls_R_factor_gt                           ? 
_refine.ls_goodness_of_fit_gt                    ? 
_refine.ls_goodness_of_fit_ref                   ? 
_refine.ls_shift_over_su_max                     ? 
_refine.ls_shift_over_su_max_lt                  ? 
_refine.ls_shift_over_su_mean                    ? 
_refine.ls_shift_over_su_mean_lt                 ? 
_refine.pdbx_ls_sigma_I                          ? 
_refine.pdbx_ls_sigma_F                          1.37 
_refine.pdbx_ls_sigma_Fsqd                       ? 
_refine.pdbx_data_cutoff_high_absF               ? 
_refine.pdbx_data_cutoff_high_rms_absF           ? 
_refine.pdbx_data_cutoff_low_absF                ? 
_refine.pdbx_isotropic_thermal_model             ? 
_refine.pdbx_ls_cross_valid_method               'FREE R-VALUE' 
_refine.pdbx_method_to_determine_struct          'AB INITIO PHASING' 
_refine.pdbx_starting_model                      ? 
_refine.pdbx_stereochemistry_target_values       ? 
_refine.pdbx_R_Free_selection_details            ? 
_refine.pdbx_stereochem_target_val_spec_case     ? 
_refine.pdbx_overall_ESU_R                       ? 
_refine.pdbx_overall_ESU_R_Free                  ? 
_refine.pdbx_solvent_vdw_probe_radii             1.1100 
_refine.pdbx_solvent_ion_probe_radii             ? 
_refine.pdbx_solvent_shrinkage_radii             0.9000 
_refine.pdbx_real_space_R                        ? 
_refine.pdbx_density_correlation                 ? 
_refine.pdbx_pd_number_of_powder_patterns        ? 
_refine.pdbx_pd_number_of_points                 ? 
_refine.pdbx_pd_meas_number_of_points            ? 
_refine.pdbx_pd_proc_ls_prof_R_factor            ? 
_refine.pdbx_pd_proc_ls_prof_wR_factor           ? 
_refine.pdbx_pd_Marquardt_correlation_coeff      ? 
_refine.pdbx_pd_Fsqrd_R_factor                   ? 
_refine.pdbx_pd_ls_matrix_band_width             ? 
_refine.pdbx_overall_phase_error                 11.2647 
_refine.pdbx_overall_SU_R_free_Cruickshank_DPI   ? 
_refine.pdbx_overall_SU_R_free_Blow_DPI          ? 
_refine.pdbx_overall_SU_R_Blow_DPI               ? 
_refine.pdbx_TLS_residual_ADP_flag               ? 
_refine.pdbx_diffrn_id                           1 
_refine.overall_SU_B                             ? 
_refine.overall_SU_ML                            0.0591 
_refine.overall_SU_R_Cruickshank_DPI             ? 
_refine.overall_SU_R_free                        ? 
_refine.overall_FOM_free_R_set                   ? 
_refine.overall_FOM_work_R_set                   ? 
_refine.pdbx_average_fsc_overall                 ? 
_refine.pdbx_average_fsc_work                    ? 
_refine.pdbx_average_fsc_free                    ? 
# 
_refine_hist.pdbx_refine_id                   'X-RAY DIFFRACTION' 
_refine_hist.cycle_id                         LAST 
_refine_hist.details                          ? 
_refine_hist.d_res_high                       0.80 
_refine_hist.d_res_low                        16.36 
_refine_hist.number_atoms_solvent             12 
_refine_hist.number_atoms_total               60 
_refine_hist.number_reflns_all                ? 
_refine_hist.number_reflns_obs                ? 
_refine_hist.number_reflns_R_free             ? 
_refine_hist.number_reflns_R_work             ? 
_refine_hist.R_factor_all                     ? 
_refine_hist.R_factor_obs                     ? 
_refine_hist.R_factor_R_free                  ? 
_refine_hist.R_factor_R_work                  ? 
_refine_hist.pdbx_number_residues_total       ? 
_refine_hist.pdbx_B_iso_mean_ligand           ? 
_refine_hist.pdbx_B_iso_mean_solvent          ? 
_refine_hist.pdbx_number_atoms_protein        48 
_refine_hist.pdbx_number_atoms_nucleic_acid   0 
_refine_hist.pdbx_number_atoms_ligand         0 
_refine_hist.pdbx_number_atoms_lipid          ? 
_refine_hist.pdbx_number_atoms_carb           ? 
_refine_hist.pdbx_pseudo_atom_details         ? 
# 
loop_
_refine_ls_restr.pdbx_refine_id 
_refine_ls_restr.criterion 
_refine_ls_restr.dev_ideal 
_refine_ls_restr.dev_ideal_target 
_refine_ls_restr.number 
_refine_ls_restr.rejects 
_refine_ls_restr.type 
_refine_ls_restr.weight 
_refine_ls_restr.pdbx_restraint_function 
'X-RAY DIFFRACTION' ? 0.0080  ? 63 ? f_bond_d           ? ? 
'X-RAY DIFFRACTION' ? 1.4129  ? 85 ? f_angle_d          ? ? 
'X-RAY DIFFRACTION' ? 0.0670  ? 8  ? f_chiral_restr     ? ? 
'X-RAY DIFFRACTION' ? 0.0200  ? 11 ? f_plane_restr      ? ? 
'X-RAY DIFFRACTION' ? 28.5270 ? 29 ? f_dihedral_angle_d ? ? 
# 
loop_
_refine_ls_shell.pdbx_refine_id 
_refine_ls_shell.d_res_high 
_refine_ls_shell.d_res_low 
_refine_ls_shell.number_reflns_all 
_refine_ls_shell.number_reflns_obs 
_refine_ls_shell.number_reflns_R_free 
_refine_ls_shell.number_reflns_R_work 
_refine_ls_shell.percent_reflns_obs 
_refine_ls_shell.percent_reflns_R_free 
_refine_ls_shell.R_factor_all 
_refine_ls_shell.R_factor_obs 
_refine_ls_shell.R_factor_R_free 
_refine_ls_shell.R_factor_R_free_error 
_refine_ls_shell.R_factor_R_work 
_refine_ls_shell.redundancy_reflns_all 
_refine_ls_shell.redundancy_reflns_obs 
_refine_ls_shell.wR_factor_all 
_refine_ls_shell.wR_factor_obs 
_refine_ls_shell.wR_factor_R_free 
_refine_ls_shell.wR_factor_R_work 
_refine_ls_shell.pdbx_total_number_of_bins_used 
_refine_ls_shell.pdbx_phase_error 
_refine_ls_shell.pdbx_fsc_work 
_refine_ls_shell.pdbx_fsc_free 
'X-RAY DIFFRACTION' 0.80 0.84  . . 119 1074 78.02 . . . 0.3138 . 0.2833 . . . . . . . . . . 
'X-RAY DIFFRACTION' 0.84 0.90  . . 149 1340 97.70 . . . 0.1596 . 0.1592 . . . . . . . . . . 
'X-RAY DIFFRACTION' 0.90 0.96  . . 153 1369 99.54 . . . 0.1327 . 0.1313 . . . . . . . . . . 
'X-RAY DIFFRACTION' 0.96 1.06  . . 153 1379 99.48 . . . 0.0908 . 0.1062 . . . . . . . . . . 
'X-RAY DIFFRACTION' 1.06 1.21  . . 154 1386 99.42 . . . 0.0986 . 0.0951 . . . . . . . . . . 
'X-RAY DIFFRACTION' 1.21 1.53  . . 137 1363 99.34 . . . 0.1281 . 0.1121 . . . . . . . . . . 
'X-RAY DIFFRACTION' 1.53 16.36 . . 154 1360 98.50 . . . 0.1744 . 0.1750 . . . . . . . . . . 
# 
_struct.entry_id                     6UF8 
_struct.title                        'S2 symmetric peptide design number 6, London Bridge' 
_struct.pdbx_model_details           'S2 symmetric cyclic peptide' 
_struct.pdbx_formula_weight          ? 
_struct.pdbx_formula_weight_method   ? 
_struct.pdbx_model_type_details      ? 
_struct.pdbx_CASP_flag               N 
# 
_struct_keywords.entry_id        6UF8 
_struct_keywords.text            'cyclic peptide, centrosymmetric macrocycle, L- and D-amino acids, DE NOVO PROTEIN' 
_struct_keywords.pdbx_keywords   'DE NOVO PROTEIN' 
# 
loop_
_struct_asym.id 
_struct_asym.pdbx_blank_PDB_chainid_flag 
_struct_asym.pdbx_modified 
_struct_asym.entity_id 
_struct_asym.details 
A N N 1 ? 
B N N 2 ? 
# 
_struct_ref.id                         1 
_struct_ref.db_name                    PDB 
_struct_ref.db_code                    6UF8 
_struct_ref.pdbx_db_accession          6UF8 
_struct_ref.pdbx_db_isoform            ? 
_struct_ref.entity_id                  1 
_struct_ref.pdbx_seq_one_letter_code   ? 
_struct_ref.pdbx_align_begin           1 
# 
_struct_ref_seq.align_id                      1 
_struct_ref_seq.ref_id                        1 
_struct_ref_seq.pdbx_PDB_id_code              6UF8 
_struct_ref_seq.pdbx_strand_id                A 
_struct_ref_seq.seq_align_beg                 1 
_struct_ref_seq.pdbx_seq_align_beg_ins_code   ? 
_struct_ref_seq.seq_align_end                 12 
_struct_ref_seq.pdbx_seq_align_end_ins_code   ? 
_struct_ref_seq.pdbx_db_accession             6UF8 
_struct_ref_seq.db_align_beg                  1 
_struct_ref_seq.pdbx_db_align_beg_ins_code    ? 
_struct_ref_seq.db_align_end                  12 
_struct_ref_seq.pdbx_db_align_end_ins_code    ? 
_struct_ref_seq.pdbx_auth_seq_align_beg       1 
_struct_ref_seq.pdbx_auth_seq_align_end       12 
# 
_pdbx_struct_assembly.id                   1 
_pdbx_struct_assembly.details              author_defined_assembly 
_pdbx_struct_assembly.method_details       ? 
_pdbx_struct_assembly.oligomeric_details   dimeric 
_pdbx_struct_assembly.oligomeric_count     2 
# 
_pdbx_struct_assembly_gen.assembly_id       1 
_pdbx_struct_assembly_gen.oper_expression   1,2 
_pdbx_struct_assembly_gen.asym_id_list      A,B 
# 
_pdbx_struct_assembly_auth_evidence.id                     1 
_pdbx_struct_assembly_auth_evidence.assembly_id            1 
_pdbx_struct_assembly_auth_evidence.experimental_support   none 
_pdbx_struct_assembly_auth_evidence.details                ? 
# 
loop_
_pdbx_struct_oper_list.id 
_pdbx_struct_oper_list.type 
_pdbx_struct_oper_list.name 
_pdbx_struct_oper_list.symmetry_operation 
_pdbx_struct_oper_list.matrix[1][1] 
_pdbx_struct_oper_list.matrix[1][2] 
_pdbx_struct_oper_list.matrix[1][3] 
_pdbx_struct_oper_list.vector[1] 
_pdbx_struct_oper_list.matrix[2][1] 
_pdbx_struct_oper_list.matrix[2][2] 
_pdbx_struct_oper_list.matrix[2][3] 
_pdbx_struct_oper_list.vector[2] 
_pdbx_struct_oper_list.matrix[3][1] 
_pdbx_struct_oper_list.matrix[3][2] 
_pdbx_struct_oper_list.matrix[3][3] 
_pdbx_struct_oper_list.vector[3] 
1 'identity operation'         1_555  x,y,z                1.0000000000  0.0000000000 0.0000000000 0.0000000000  0.0000000000 1.0000000000  0.0000000000 0.0000000000  0.0000000000 0.0000000000 1.0000000000  0.0000000000  
2 'crystal symmetry operation' 10_555 -x+2/3,-y+1/3,-z+1/3 -1.0000000000 0.0000000000 0.0000000000 -1.2295120225 0.0000000000 -1.0000000000 0.0000000000 -2.4782288298 0.0000000000 0.0000000000 -1.0000000000 -5.9975658207 
# 
loop_
_struct_conn.id 
_struct_conn.conn_type_id 
_struct_conn.pdbx_leaving_atom_flag 
_struct_conn.pdbx_PDB_id 
_struct_conn.ptnr1_label_asym_id 
_struct_conn.ptnr1_label_comp_id 
_struct_conn.ptnr1_label_seq_id 
_struct_conn.ptnr1_label_atom_id 
_struct_conn.pdbx_ptnr1_label_alt_id 
_struct_conn.pdbx_ptnr1_PDB_ins_code 
_struct_conn.pdbx_ptnr1_standard_comp_id 
_struct_conn.ptnr1_symmetry 
_struct_conn.ptnr2_label_asym_id 
_struct_conn.ptnr2_label_comp_id 
_struct_conn.ptnr2_label_seq_id 
_struct_conn.ptnr2_label_atom_id 
_struct_conn.pdbx_ptnr2_label_alt_id 
_struct_conn.pdbx_ptnr2_PDB_ins_code 
_struct_conn.ptnr1_auth_asym_id 
_struct_conn.ptnr1_auth_comp_id 
_struct_conn.ptnr1_auth_seq_id 
_struct_conn.ptnr2_auth_asym_id 
_struct_conn.ptnr2_auth_comp_id 
_struct_conn.ptnr2_auth_seq_id 
_struct_conn.ptnr2_symmetry 
_struct_conn.pdbx_ptnr3_label_atom_id 
_struct_conn.pdbx_ptnr3_label_seq_id 
_struct_conn.pdbx_ptnr3_label_comp_id 
_struct_conn.pdbx_ptnr3_label_asym_id 
_struct_conn.pdbx_ptnr3_label_alt_id 
_struct_conn.pdbx_ptnr3_PDB_ins_code 
_struct_conn.details 
_struct_conn.pdbx_dist_value 
_struct_conn.pdbx_value_order 
_struct_conn.pdbx_role 
covale1 covale both ? A DAL 1 C ? ? ? 1_555 A ASN 2 N ? ? A DAL 1 A ASN 2 1_555  ? ? ? ? ? ? ? 1.336 ? ? 
covale2 covale both ? A DAL 1 N ? ? ? 1_555 A DGL 6 C ? ? A DAL 1 A DGL 6 10_555 ? ? ? ? ? ? ? 1.339 ? ? 
covale3 covale both ? A ASN 2 C ? ? ? 1_555 A DLY 3 N ? ? A ASN 2 A DLY 3 1_555  ? ? ? ? ? ? ? 1.331 ? ? 
covale4 covale both ? A DLY 3 C ? ? ? 1_555 A DHI 4 N ? ? A DLY 3 A DHI 4 1_555  ? ? ? ? ? ? ? 1.343 ? ? 
covale5 covale both ? A DHI 4 C ? ? ? 1_555 A PRO 5 N ? ? A DHI 4 A PRO 5 1_555  ? ? ? ? ? ? ? 1.346 ? ? 
covale6 covale both ? A PRO 5 C ? ? ? 1_555 A DGL 6 N ? ? A PRO 5 A DGL 6 1_555  ? ? ? ? ? ? ? 1.341 ? ? 
# 
_struct_conn_type.id          covale 
_struct_conn_type.criteria    ? 
_struct_conn_type.reference   ? 
# 
_pdbx_modification_feature.ordinal                            1 
_pdbx_modification_feature.label_comp_id                      DAL 
_pdbx_modification_feature.label_asym_id                      A 
_pdbx_modification_feature.label_seq_id                       1 
_pdbx_modification_feature.label_alt_id                       ? 
_pdbx_modification_feature.modified_residue_label_comp_id     DGL 
_pdbx_modification_feature.modified_residue_label_asym_id     A 
_pdbx_modification_feature.modified_residue_label_seq_id      6 
_pdbx_modification_feature.modified_residue_label_alt_id      ? 
_pdbx_modification_feature.auth_comp_id                       DAL 
_pdbx_modification_feature.auth_asym_id                       A 
_pdbx_modification_feature.auth_seq_id                        1 
_pdbx_modification_feature.PDB_ins_code                       ? 
_pdbx_modification_feature.symmetry                           1_555 
_pdbx_modification_feature.modified_residue_auth_comp_id      DGL 
_pdbx_modification_feature.modified_residue_auth_asym_id      A 
_pdbx_modification_feature.modified_residue_auth_seq_id       6 
_pdbx_modification_feature.modified_residue_PDB_ins_code      ? 
_pdbx_modification_feature.modified_residue_symmetry          10_555 
_pdbx_modification_feature.comp_id_linking_atom               N 
_pdbx_modification_feature.modified_residue_id_linking_atom   C 
_pdbx_modification_feature.modified_residue_id                . 
_pdbx_modification_feature.ref_pcm_id                         . 
_pdbx_modification_feature.ref_comp_id                        . 
_pdbx_modification_feature.type                               None 
_pdbx_modification_feature.category                           'Non-standard linkage' 
# 
_pdbx_entry_details.entry_id                   6UF8 
_pdbx_entry_details.has_ligand_of_interest     N 
_pdbx_entry_details.compound_details           
'The asymmetric unit contains half of the molecule. The second half is generated by a crystallographic symmetry operator.' 
_pdbx_entry_details.source_details             ? 
_pdbx_entry_details.nonpolymer_details         ? 
_pdbx_entry_details.sequence_details           ? 
_pdbx_entry_details.has_protein_modification   Y 
# 
_pdbx_struct_special_symmetry.id              1 
_pdbx_struct_special_symmetry.PDB_model_num   1 
_pdbx_struct_special_symmetry.auth_asym_id    A 
_pdbx_struct_special_symmetry.auth_comp_id    HOH 
_pdbx_struct_special_symmetry.auth_seq_id     112 
_pdbx_struct_special_symmetry.PDB_ins_code    ? 
_pdbx_struct_special_symmetry.label_asym_id   B 
_pdbx_struct_special_symmetry.label_comp_id   HOH 
_pdbx_struct_special_symmetry.label_seq_id    . 
# 
loop_
_space_group_symop.id 
_space_group_symop.operation_xyz 
1  x,y,z                 
2  -y,x-y,z              
3  -x+y,-x,z             
4  -x,-y,-z              
5  y,-x+y,-z             
6  x-y,x,-z              
7  x+1/3,y+2/3,z+2/3     
8  -y+1/3,x-y+2/3,z+2/3  
9  -x+y+1/3,-x+2/3,z+2/3 
10 -x+1/3,-y+2/3,-z+2/3  
11 y+1/3,-x+y+2/3,-z+2/3 
12 x-y+1/3,x+2/3,-z+2/3  
13 x+2/3,y+1/3,z+1/3     
14 -y+2/3,x-y+1/3,z+1/3  
15 -x+y+2/3,-x+1/3,z+1/3 
16 -x+2/3,-y+1/3,-z+1/3  
17 y+2/3,-x+y+1/3,-z+1/3 
18 x-y+2/3,x+1/3,-z+1/3  
# 
_pdbx_distant_solvent_atoms.id                                1 
_pdbx_distant_solvent_atoms.PDB_model_num                     1 
_pdbx_distant_solvent_atoms.auth_atom_id                      O 
_pdbx_distant_solvent_atoms.label_alt_id                      ? 
_pdbx_distant_solvent_atoms.auth_asym_id                      A 
_pdbx_distant_solvent_atoms.auth_comp_id                      HOH 
_pdbx_distant_solvent_atoms.auth_seq_id                       112 
_pdbx_distant_solvent_atoms.PDB_ins_code                      ? 
_pdbx_distant_solvent_atoms.neighbor_macromolecule_distance   5.82 
_pdbx_distant_solvent_atoms.neighbor_ligand_distance          . 
# 
loop_
_pdbx_unobs_or_zero_occ_residues.id 
_pdbx_unobs_or_zero_occ_residues.PDB_model_num 
_pdbx_unobs_or_zero_occ_residues.polymer_flag 
_pdbx_unobs_or_zero_occ_residues.occupancy_flag 
_pdbx_unobs_or_zero_occ_residues.auth_asym_id 
_pdbx_unobs_or_zero_occ_residues.auth_comp_id 
_pdbx_unobs_or_zero_occ_residues.auth_seq_id 
_pdbx_unobs_or_zero_occ_residues.PDB_ins_code 
_pdbx_unobs_or_zero_occ_residues.label_asym_id 
_pdbx_unobs_or_zero_occ_residues.label_comp_id 
_pdbx_unobs_or_zero_occ_residues.label_seq_id 
1 1 Y 1 A ALA 7  ? A ALA 7  
2 1 Y 1 A DSG 8  ? A DSG 8  
3 1 Y 1 A LYS 9  ? A LYS 9  
4 1 Y 1 A HIS 10 ? A HIS 10 
5 1 Y 1 A DPR 11 ? A DPR 11 
6 1 Y 1 A GLU 12 ? A GLU 12 
# 
loop_
_chem_comp_atom.comp_id 
_chem_comp_atom.atom_id 
_chem_comp_atom.type_symbol 
_chem_comp_atom.pdbx_aromatic_flag 
_chem_comp_atom.pdbx_stereo_config 
_chem_comp_atom.pdbx_ordinal 
ALA N    N N N 1   
ALA CA   C N S 2   
ALA C    C N N 3   
ALA O    O N N 4   
ALA CB   C N N 5   
ALA OXT  O N N 6   
ALA H    H N N 7   
ALA H2   H N N 8   
ALA HA   H N N 9   
ALA HB1  H N N 10  
ALA HB2  H N N 11  
ALA HB3  H N N 12  
ALA HXT  H N N 13  
ASN N    N N N 14  
ASN CA   C N S 15  
ASN C    C N N 16  
ASN O    O N N 17  
ASN CB   C N N 18  
ASN CG   C N N 19  
ASN OD1  O N N 20  
ASN ND2  N N N 21  
ASN OXT  O N N 22  
ASN H    H N N 23  
ASN H2   H N N 24  
ASN HA   H N N 25  
ASN HB2  H N N 26  
ASN HB3  H N N 27  
ASN HD21 H N N 28  
ASN HD22 H N N 29  
ASN HXT  H N N 30  
DAL N    N N N 31  
DAL CA   C N R 32  
DAL CB   C N N 33  
DAL C    C N N 34  
DAL O    O N N 35  
DAL OXT  O N N 36  
DAL H    H N N 37  
DAL H2   H N N 38  
DAL HA   H N N 39  
DAL HB1  H N N 40  
DAL HB2  H N N 41  
DAL HB3  H N N 42  
DAL HXT  H N N 43  
DGL N    N N N 44  
DGL CA   C N R 45  
DGL C    C N N 46  
DGL O    O N N 47  
DGL CB   C N N 48  
DGL CG   C N N 49  
DGL CD   C N N 50  
DGL OE1  O N N 51  
DGL OE2  O N N 52  
DGL OXT  O N N 53  
DGL H    H N N 54  
DGL H2   H N N 55  
DGL HA   H N N 56  
DGL HB2  H N N 57  
DGL HB3  H N N 58  
DGL HG2  H N N 59  
DGL HG3  H N N 60  
DGL HE2  H N N 61  
DGL HXT  H N N 62  
DHI N    N N N 63  
DHI CA   C N R 64  
DHI C    C N N 65  
DHI O    O N N 66  
DHI CB   C N N 67  
DHI CG   C Y N 68  
DHI ND1  N Y N 69  
DHI CD2  C Y N 70  
DHI CE1  C Y N 71  
DHI NE2  N Y N 72  
DHI OXT  O N N 73  
DHI H    H N N 74  
DHI H2   H N N 75  
DHI HA   H N N 76  
DHI HB2  H N N 77  
DHI HB3  H N N 78  
DHI HD1  H N N 79  
DHI HD2  H N N 80  
DHI HE1  H N N 81  
DHI HE2  H N N 82  
DHI HXT  H N N 83  
DLY N    N N N 84  
DLY CA   C N R 85  
DLY C    C N N 86  
DLY O    O N N 87  
DLY CB   C N N 88  
DLY CG   C N N 89  
DLY CD   C N N 90  
DLY CE   C N N 91  
DLY NZ   N N N 92  
DLY OXT  O N N 93  
DLY H    H N N 94  
DLY H2   H N N 95  
DLY HA   H N N 96  
DLY HB2  H N N 97  
DLY HB3  H N N 98  
DLY HG2  H N N 99  
DLY HG3  H N N 100 
DLY HD2  H N N 101 
DLY HD3  H N N 102 
DLY HE2  H N N 103 
DLY HE3  H N N 104 
DLY HZ1  H N N 105 
DLY HZ2  H N N 106 
DLY HXT  H N N 107 
DPR N    N N N 108 
DPR CA   C N R 109 
DPR CB   C N N 110 
DPR CG   C N N 111 
DPR CD   C N N 112 
DPR C    C N N 113 
DPR O    O N N 114 
DPR OXT  O N N 115 
DPR H    H N N 116 
DPR HA   H N N 117 
DPR HB2  H N N 118 
DPR HB3  H N N 119 
DPR HG2  H N N 120 
DPR HG3  H N N 121 
DPR HD2  H N N 122 
DPR HD3  H N N 123 
DPR HXT  H N N 124 
DSG N    N N N 125 
DSG CA   C N R 126 
DSG C    C N N 127 
DSG O    O N N 128 
DSG CB   C N N 129 
DSG CG   C N N 130 
DSG OD1  O N N 131 
DSG ND2  N N N 132 
DSG OXT  O N N 133 
DSG H    H N N 134 
DSG H2   H N N 135 
DSG HA   H N N 136 
DSG HB2  H N N 137 
DSG HB3  H N N 138 
DSG HD21 H N N 139 
DSG HD22 H N N 140 
DSG HXT  H N N 141 
GLU N    N N N 142 
GLU CA   C N S 143 
GLU C    C N N 144 
GLU O    O N N 145 
GLU CB   C N N 146 
GLU CG   C N N 147 
GLU CD   C N N 148 
GLU OE1  O N N 149 
GLU OE2  O N N 150 
GLU OXT  O N N 151 
GLU H    H N N 152 
GLU H2   H N N 153 
GLU HA   H N N 154 
GLU HB2  H N N 155 
GLU HB3  H N N 156 
GLU HG2  H N N 157 
GLU HG3  H N N 158 
GLU HE2  H N N 159 
GLU HXT  H N N 160 
HIS N    N N N 161 
HIS CA   C N S 162 
HIS C    C N N 163 
HIS O    O N N 164 
HIS CB   C N N 165 
HIS CG   C Y N 166 
HIS ND1  N Y N 167 
HIS CD2  C Y N 168 
HIS CE1  C Y N 169 
HIS NE2  N Y N 170 
HIS OXT  O N N 171 
HIS H    H N N 172 
HIS H2   H N N 173 
HIS HA   H N N 174 
HIS HB2  H N N 175 
HIS HB3  H N N 176 
HIS HD1  H N N 177 
HIS HD2  H N N 178 
HIS HE1  H N N 179 
HIS HE2  H N N 180 
HIS HXT  H N N 181 
HOH O    O N N 182 
HOH H1   H N N 183 
HOH H2   H N N 184 
LYS N    N N N 185 
LYS CA   C N S 186 
LYS C    C N N 187 
LYS O    O N N 188 
LYS CB   C N N 189 
LYS CG   C N N 190 
LYS CD   C N N 191 
LYS CE   C N N 192 
LYS NZ   N N N 193 
LYS OXT  O N N 194 
LYS H    H N N 195 
LYS H2   H N N 196 
LYS HA   H N N 197 
LYS HB2  H N N 198 
LYS HB3  H N N 199 
LYS HG2  H N N 200 
LYS HG3  H N N 201 
LYS HD2  H N N 202 
LYS HD3  H N N 203 
LYS HE2  H N N 204 
LYS HE3  H N N 205 
LYS HZ1  H N N 206 
LYS HZ2  H N N 207 
LYS HZ3  H N N 208 
LYS HXT  H N N 209 
PRO N    N N N 210 
PRO CA   C N S 211 
PRO C    C N N 212 
PRO O    O N N 213 
PRO CB   C N N 214 
PRO CG   C N N 215 
PRO CD   C N N 216 
PRO OXT  O N N 217 
PRO H    H N N 218 
PRO HA   H N N 219 
PRO HB2  H N N 220 
PRO HB3  H N N 221 
PRO HG2  H N N 222 
PRO HG3  H N N 223 
PRO HD2  H N N 224 
PRO HD3  H N N 225 
PRO HXT  H N N 226 
# 
loop_
_chem_comp_bond.comp_id 
_chem_comp_bond.atom_id_1 
_chem_comp_bond.atom_id_2 
_chem_comp_bond.value_order 
_chem_comp_bond.pdbx_aromatic_flag 
_chem_comp_bond.pdbx_stereo_config 
_chem_comp_bond.pdbx_ordinal 
ALA N   CA   sing N N 1   
ALA N   H    sing N N 2   
ALA N   H2   sing N N 3   
ALA CA  C    sing N N 4   
ALA CA  CB   sing N N 5   
ALA CA  HA   sing N N 6   
ALA C   O    doub N N 7   
ALA C   OXT  sing N N 8   
ALA CB  HB1  sing N N 9   
ALA CB  HB2  sing N N 10  
ALA CB  HB3  sing N N 11  
ALA OXT HXT  sing N N 12  
ASN N   CA   sing N N 13  
ASN N   H    sing N N 14  
ASN N   H2   sing N N 15  
ASN CA  C    sing N N 16  
ASN CA  CB   sing N N 17  
ASN CA  HA   sing N N 18  
ASN C   O    doub N N 19  
ASN C   OXT  sing N N 20  
ASN CB  CG   sing N N 21  
ASN CB  HB2  sing N N 22  
ASN CB  HB3  sing N N 23  
ASN CG  OD1  doub N N 24  
ASN CG  ND2  sing N N 25  
ASN ND2 HD21 sing N N 26  
ASN ND2 HD22 sing N N 27  
ASN OXT HXT  sing N N 28  
DAL N   CA   sing N N 29  
DAL N   H    sing N N 30  
DAL N   H2   sing N N 31  
DAL CA  CB   sing N N 32  
DAL CA  C    sing N N 33  
DAL CA  HA   sing N N 34  
DAL CB  HB1  sing N N 35  
DAL CB  HB2  sing N N 36  
DAL CB  HB3  sing N N 37  
DAL C   O    doub N N 38  
DAL C   OXT  sing N N 39  
DAL OXT HXT  sing N N 40  
DGL N   CA   sing N N 41  
DGL N   H    sing N N 42  
DGL N   H2   sing N N 43  
DGL CA  C    sing N N 44  
DGL CA  CB   sing N N 45  
DGL CA  HA   sing N N 46  
DGL C   O    doub N N 47  
DGL C   OXT  sing N N 48  
DGL CB  CG   sing N N 49  
DGL CB  HB2  sing N N 50  
DGL CB  HB3  sing N N 51  
DGL CG  CD   sing N N 52  
DGL CG  HG2  sing N N 53  
DGL CG  HG3  sing N N 54  
DGL CD  OE1  doub N N 55  
DGL CD  OE2  sing N N 56  
DGL OE2 HE2  sing N N 57  
DGL OXT HXT  sing N N 58  
DHI N   CA   sing N N 59  
DHI N   H    sing N N 60  
DHI N   H2   sing N N 61  
DHI CA  C    sing N N 62  
DHI CA  CB   sing N N 63  
DHI CA  HA   sing N N 64  
DHI C   O    doub N N 65  
DHI C   OXT  sing N N 66  
DHI CB  CG   sing N N 67  
DHI CB  HB2  sing N N 68  
DHI CB  HB3  sing N N 69  
DHI CG  ND1  sing Y N 70  
DHI CG  CD2  doub Y N 71  
DHI ND1 CE1  doub Y N 72  
DHI ND1 HD1  sing N N 73  
DHI CD2 NE2  sing Y N 74  
DHI CD2 HD2  sing N N 75  
DHI CE1 NE2  sing Y N 76  
DHI CE1 HE1  sing N N 77  
DHI NE2 HE2  sing N N 78  
DHI OXT HXT  sing N N 79  
DLY N   CA   sing N N 80  
DLY N   H    sing N N 81  
DLY N   H2   sing N N 82  
DLY CA  C    sing N N 83  
DLY CA  CB   sing N N 84  
DLY CA  HA   sing N N 85  
DLY C   O    doub N N 86  
DLY C   OXT  sing N N 87  
DLY CB  CG   sing N N 88  
DLY CB  HB2  sing N N 89  
DLY CB  HB3  sing N N 90  
DLY CG  CD   sing N N 91  
DLY CG  HG2  sing N N 92  
DLY CG  HG3  sing N N 93  
DLY CD  CE   sing N N 94  
DLY CD  HD2  sing N N 95  
DLY CD  HD3  sing N N 96  
DLY CE  NZ   sing N N 97  
DLY CE  HE2  sing N N 98  
DLY CE  HE3  sing N N 99  
DLY NZ  HZ1  sing N N 100 
DLY NZ  HZ2  sing N N 101 
DLY OXT HXT  sing N N 102 
DPR N   CA   sing N N 103 
DPR N   CD   sing N N 104 
DPR N   H    sing N N 105 
DPR CA  CB   sing N N 106 
DPR CA  C    sing N N 107 
DPR CA  HA   sing N N 108 
DPR CB  CG   sing N N 109 
DPR CB  HB2  sing N N 110 
DPR CB  HB3  sing N N 111 
DPR CG  CD   sing N N 112 
DPR CG  HG2  sing N N 113 
DPR CG  HG3  sing N N 114 
DPR CD  HD2  sing N N 115 
DPR CD  HD3  sing N N 116 
DPR C   O    doub N N 117 
DPR C   OXT  sing N N 118 
DPR OXT HXT  sing N N 119 
DSG N   CA   sing N N 120 
DSG N   H    sing N N 121 
DSG N   H2   sing N N 122 
DSG CA  C    sing N N 123 
DSG CA  CB   sing N N 124 
DSG CA  HA   sing N N 125 
DSG C   O    doub N N 126 
DSG C   OXT  sing N N 127 
DSG CB  CG   sing N N 128 
DSG CB  HB2  sing N N 129 
DSG CB  HB3  sing N N 130 
DSG CG  OD1  doub N N 131 
DSG CG  ND2  sing N N 132 
DSG ND2 HD21 sing N N 133 
DSG ND2 HD22 sing N N 134 
DSG OXT HXT  sing N N 135 
GLU N   CA   sing N N 136 
GLU N   H    sing N N 137 
GLU N   H2   sing N N 138 
GLU CA  C    sing N N 139 
GLU CA  CB   sing N N 140 
GLU CA  HA   sing N N 141 
GLU C   O    doub N N 142 
GLU C   OXT  sing N N 143 
GLU CB  CG   sing N N 144 
GLU CB  HB2  sing N N 145 
GLU CB  HB3  sing N N 146 
GLU CG  CD   sing N N 147 
GLU CG  HG2  sing N N 148 
GLU CG  HG3  sing N N 149 
GLU CD  OE1  doub N N 150 
GLU CD  OE2  sing N N 151 
GLU OE2 HE2  sing N N 152 
GLU OXT HXT  sing N N 153 
HIS N   CA   sing N N 154 
HIS N   H    sing N N 155 
HIS N   H2   sing N N 156 
HIS CA  C    sing N N 157 
HIS CA  CB   sing N N 158 
HIS CA  HA   sing N N 159 
HIS C   O    doub N N 160 
HIS C   OXT  sing N N 161 
HIS CB  CG   sing N N 162 
HIS CB  HB2  sing N N 163 
HIS CB  HB3  sing N N 164 
HIS CG  ND1  sing Y N 165 
HIS CG  CD2  doub Y N 166 
HIS ND1 CE1  doub Y N 167 
HIS ND1 HD1  sing N N 168 
HIS CD2 NE2  sing Y N 169 
HIS CD2 HD2  sing N N 170 
HIS CE1 NE2  sing Y N 171 
HIS CE1 HE1  sing N N 172 
HIS NE2 HE2  sing N N 173 
HIS OXT HXT  sing N N 174 
HOH O   H1   sing N N 175 
HOH O   H2   sing N N 176 
LYS N   CA   sing N N 177 
LYS N   H    sing N N 178 
LYS N   H2   sing N N 179 
LYS CA  C    sing N N 180 
LYS CA  CB   sing N N 181 
LYS CA  HA   sing N N 182 
LYS C   O    doub N N 183 
LYS C   OXT  sing N N 184 
LYS CB  CG   sing N N 185 
LYS CB  HB2  sing N N 186 
LYS CB  HB3  sing N N 187 
LYS CG  CD   sing N N 188 
LYS CG  HG2  sing N N 189 
LYS CG  HG3  sing N N 190 
LYS CD  CE   sing N N 191 
LYS CD  HD2  sing N N 192 
LYS CD  HD3  sing N N 193 
LYS CE  NZ   sing N N 194 
LYS CE  HE2  sing N N 195 
LYS CE  HE3  sing N N 196 
LYS NZ  HZ1  sing N N 197 
LYS NZ  HZ2  sing N N 198 
LYS NZ  HZ3  sing N N 199 
LYS OXT HXT  sing N N 200 
PRO N   CA   sing N N 201 
PRO N   CD   sing N N 202 
PRO N   H    sing N N 203 
PRO CA  C    sing N N 204 
PRO CA  CB   sing N N 205 
PRO CA  HA   sing N N 206 
PRO C   O    doub N N 207 
PRO C   OXT  sing N N 208 
PRO CB  CG   sing N N 209 
PRO CB  HB2  sing N N 210 
PRO CB  HB3  sing N N 211 
PRO CG  CD   sing N N 212 
PRO CG  HG2  sing N N 213 
PRO CG  HG3  sing N N 214 
PRO CD  HD2  sing N N 215 
PRO CD  HD3  sing N N 216 
PRO OXT HXT  sing N N 217 
# 
loop_
_pdbx_audit_support.funding_organization 
_pdbx_audit_support.country 
_pdbx_audit_support.grant_number 
_pdbx_audit_support.ordinal 
'Department of Energy (DOE, United States)' 'United States' DE-FC02-02ER63421 1 
'Department of Energy (DOE, United States)' 'United States' DE-AC02-06CH11357 2 
# 
_space_group.name_H-M_alt     'R -3 :H' 
_space_group.name_Hall        '-R 3' 
_space_group.IT_number        148 
_space_group.crystal_system   trigonal 
_space_group.id               1 
# 
_atom_sites.entry_id                    6UF8 
_atom_sites.Cartn_transf_matrix[1][1]   ? 
_atom_sites.Cartn_transf_matrix[1][2]   ? 
_atom_sites.Cartn_transf_matrix[1][3]   ? 
_atom_sites.Cartn_transf_matrix[2][1]   ? 
_atom_sites.Cartn_transf_matrix[2][2]   ? 
_atom_sites.Cartn_transf_matrix[2][3]   ? 
_atom_sites.Cartn_transf_matrix[3][1]   ? 
_atom_sites.Cartn_transf_matrix[3][2]   ? 
_atom_sites.Cartn_transf_matrix[3][3]   ? 
_atom_sites.Cartn_transf_vector[1]      ? 
_atom_sites.Cartn_transf_vector[2]      ? 
_atom_sites.Cartn_transf_vector[3]      ? 
_atom_sites.fract_transf_matrix[1][1]   0.01818505 
_atom_sites.fract_transf_matrix[1][2]   -0.00974034 
_atom_sites.fract_transf_matrix[1][3]   -0.02863235 
_atom_sites.fract_transf_matrix[2][1]   -0.00395728 
_atom_sites.fract_transf_matrix[2][2]   -0.03248390 
_atom_sites.fract_transf_matrix[2][3]   -0.01321062 
_atom_sites.fract_transf_matrix[3][1]   -0.02920819 
_atom_sites.fract_transf_matrix[3][2]   0.01288512 
_atom_sites.fract_transf_matrix[3][3]   -0.02293412 
_atom_sites.fract_transf_vector[1]      0.246577 
_atom_sites.fract_transf_vector[2]      0.084365 
_atom_sites.fract_transf_vector[3]      0.095902 
_atom_sites.solution_primary            ? 
_atom_sites.solution_secondary          ? 
_atom_sites.solution_hydrogens          ? 
_atom_sites.special_details             ? 
# 
loop_
_atom_type.symbol 
_atom_type.scat_dispersion_real 
_atom_type.scat_dispersion_imag 
_atom_type.scat_Cromer_Mann_a1 
_atom_type.scat_Cromer_Mann_a2 
_atom_type.scat_Cromer_Mann_a3 
_atom_type.scat_Cromer_Mann_a4 
_atom_type.scat_Cromer_Mann_b1 
_atom_type.scat_Cromer_Mann_b2 
_atom_type.scat_Cromer_Mann_b3 
_atom_type.scat_Cromer_Mann_b4 
_atom_type.scat_Cromer_Mann_c 
_atom_type.scat_source 
_atom_type.scat_dispersion_source 
C ? ? 2.51340 1.74867 1.72398 ? 31.80534 0.44561  10.58317 ? 0.0 
;3-Gaussian fit: Grosse-Kunstleve RW, Sauter NK, Adams PD: Newsletter of the IUCr Commission on Crystallographic Computing 2004, 3, 22-31.
;
? 
H ? ? 0.53795 0.34799 0.11320 ? 10.08003 29.74760 2.57510  ? 0.0 
;3-Gaussian fit: Grosse-Kunstleve RW, Sauter NK, Adams PD: Newsletter of the IUCr Commission on Crystallographic Computing 2004, 3, 22-31.
;
? 
N ? ? 2.99955 2.25584 1.72788 ? 23.27268 7.45433  0.31622  ? 0.0 
;3-Gaussian fit: Grosse-Kunstleve RW, Sauter NK, Adams PD: Newsletter of the IUCr Commission on Crystallographic Computing 2004, 3, 22-31.
;
? 
O ? ? 3.21184 3.04156 1.73156 ? 18.83700 5.90590  0.24126  ? 0.0 
;3-Gaussian fit: Grosse-Kunstleve RW, Sauter NK, Adams PD: Newsletter of the IUCr Commission on Crystallographic Computing 2004, 3, 22-31.
;
? 
# 
loop_
_atom_site.group_PDB 
_atom_site.id 
_atom_site.type_symbol 
_atom_site.label_atom_id 
_atom_site.label_alt_id 
_atom_site.label_comp_id 
_atom_site.label_asym_id 
_atom_site.label_entity_id 
_atom_site.label_seq_id 
_atom_site.pdbx_PDB_ins_code 
_atom_site.Cartn_x 
_atom_site.Cartn_y 
_atom_site.Cartn_z 
_atom_site.occupancy 
_atom_site.B_iso_or_equiv 
_atom_site.pdbx_formal_charge 
_atom_site.auth_seq_id 
_atom_site.auth_comp_id 
_atom_site.auth_asym_id 
_atom_site.auth_atom_id 
_atom_site.pdbx_PDB_model_num 
HETATM 1   N N    . DAL A 1 1 ? 0.16340  0.40117  -3.61157 1.000 6.10556   ? 1   DAL A N    1 
HETATM 2   C CA   . DAL A 1 1 ? -0.67136 0.69850  -2.45510 1.000 6.12805   ? 1   DAL A CA   1 
HETATM 3   C CB   . DAL A 1 1 ? -2.11664 0.85411  -2.88027 1.000 6.87951   ? 1   DAL A CB   1 
HETATM 4   C C    . DAL A 1 1 ? -0.18043 1.96985  -1.77473 1.000 6.34670   ? 1   DAL A C    1 
HETATM 5   O O    . DAL A 1 1 ? 0.42611  2.84292  -2.39091 1.000 8.41641   ? 1   DAL A O    1 
HETATM 6   H H1   . DAL A 1 1 ? -0.38953 0.33947  -4.34406 1.000 6.46751   ? 1   DAL A H1   1 
HETATM 7   H HA   . DAL A 1 1 ? -0.60533 -0.04953 -1.81626 1.000 6.30284   ? 1   DAL A HA   1 
HETATM 8   H HB1  . DAL A 1 1 ? -2.17541 1.48395  -3.61534 1.000 10.63131  ? 1   DAL A HB1  1 
HETATM 9   H HB2  . DAL A 1 1 ? -2.46539 -0.00614 -3.16623 1.000 9.82183   ? 1   DAL A HB2  1 
HETATM 10  H HB3  . DAL A 1 1 ? -2.64309 1.18204  -2.13183 1.000 8.29977   ? 1   DAL A HB3  1 
ATOM   11  N N    . ASN A 1 2 ? -0.49811 2.06220  -0.48015 1.000 6.27814   ? 2   ASN A N    1 
ATOM   12  C CA   . ASN A 1 2 ? -0.10370 3.20293  0.32860  1.000 6.60156   ? 2   ASN A CA   1 
ATOM   13  C C    . ASN A 1 2 ? 1.14532  2.81113  1.13155  1.000 6.08520   ? 2   ASN A C    1 
ATOM   14  O O    . ASN A 1 2 ? 1.07580  2.56667  2.33050  1.000 6.39282   ? 2   ASN A O    1 
ATOM   15  C CB   . ASN A 1 2 ? -1.24733 3.62969  1.24331  1.000 7.93992   ? 2   ASN A CB   1 
ATOM   16  C CG   . ASN A 1 2 ? -0.88715 4.84884  2.05914  1.000 8.73069   ? 2   ASN A CG   1 
ATOM   17  O OD1  . ASN A 1 2 ? -0.02893 5.64173  1.66356  1.000 10.06807  ? 2   ASN A OD1  1 
ATOM   18  N ND2  . ASN A 1 2 ? -1.50518 4.98908  3.21640  1.000 11.75419  ? 2   ASN A ND2  1 
ATOM   19  H H    . ASN A 1 2 ? -1.03105 1.32159  -0.04610 1.000 8.30774   ? 2   ASN A H    1 
ATOM   20  H HA   . ASN A 1 2 ? 0.11615  3.95876  -0.26546 1.000 7.10191   ? 2   ASN A HA   1 
ATOM   21  H HB2  . ASN A 1 2 ? -2.03589 3.82707  0.69766  1.000 8.82419   ? 2   ASN A HB2  1 
ATOM   22  H HB3  . ASN A 1 2 ? -1.46863 2.89044  1.84510  1.000 8.99076   ? 2   ASN A HB3  1 
ATOM   23  H HD21 . ASN A 1 2 ? -1.23244 5.60300  3.79157  1.000 57.24436  ? 2   ASN A HD21 1 
ATOM   24  H HD22 . ASN A 1 2 ? -2.19503 4.47305  3.41770  1.000 7.20107   ? 2   ASN A HD22 1 
HETATM 25  N N    . DLY A 1 3 ? 2.26669  2.66961  0.42773  1.000 6.66975   ? 3   DLY A N    1 
HETATM 26  C CA   A DLY A 1 3 ? 3.47129  2.10105  1.02683  0.500 7.09074   ? 3   DLY A CA   1 
HETATM 27  C CA   B DLY A 1 3 ? 3.47279  2.09684  1.00199  0.500 7.65225   ? 3   DLY A CA   1 
HETATM 28  C C    . DLY A 1 3 ? 3.24651  0.65413  1.46512  1.000 5.86749   ? 3   DLY A C    1 
HETATM 29  O O    . DLY A 1 3 ? 3.77229  0.22332  2.50051  1.000 6.12762   ? 3   DLY A O    1 
HETATM 30  C CB   A DLY A 1 3 ? 4.63591  2.11285  0.03185  0.500 10.22612  ? 3   DLY A CB   1 
HETATM 31  C CB   B DLY A 1 3 ? 4.53749  2.15889  -0.09460 0.500 9.93338   ? 3   DLY A CB   1 
HETATM 32  C CG   A DLY A 1 3 ? 5.33545  3.45309  -0.14207 0.500 13.44571  ? 3   DLY A CG   1 
HETATM 33  C CG   B DLY A 1 3 ? 5.86486  1.51289  0.23607  0.500 12.30046  ? 3   DLY A CG   1 
HETATM 34  C CD   A DLY A 1 3 ? 6.59311  3.37407  -0.98434 0.500 17.84756  ? 3   DLY A CD   1 
HETATM 35  C CD   B DLY A 1 3 ? 6.84553  1.57528  -0.91099 0.500 15.12149  ? 3   DLY A CD   1 
HETATM 36  C CE   A DLY A 1 3 ? 7.28268  4.71166  -1.14876 0.500 23.07225  ? 3   DLY A CE   1 
HETATM 37  C CE   B DLY A 1 3 ? 7.27953  2.98531  -1.24912 0.500 17.98700  ? 3   DLY A CE   1 
HETATM 38  N NZ   A DLY A 1 3 ? 8.32045  4.66740  -2.20564 0.500 37.20310  ? 3   DLY A NZ   1 
HETATM 39  N NZ   B DLY A 1 3 ? 8.08314  3.02053  -2.49273 0.500 26.33768  ? 3   DLY A NZ   1 
HETATM 40  H H    . DLY A 1 3 ? 2.28637  2.96643  -0.53778 1.000 15.27108  ? 3   DLY A H    1 
HETATM 41  H HA   A DLY A 1 3 ? 3.71483  2.63849  1.81216  0.500 6.36843   ? 3   DLY A HA   1 
HETATM 42  H HA   B DLY A 1 3 ? 3.75730  2.64517  1.76698  0.500 46.77422  ? 3   DLY A HA   1 
HETATM 43  H HB2  A DLY A 1 3 ? 4.29866  1.82487  -0.84193 0.500 17.64597  ? 3   DLY A HB2  1 
HETATM 44  H HB2  B DLY A 1 3 ? 4.69812  3.10066  -0.31338 0.500 34.01542  ? 3   DLY A HB2  1 
HETATM 45  H HB3  A DLY A 1 3 ? 5.29999  1.45538  0.32498  0.500 5.60355   ? 3   DLY A HB3  1 
HETATM 46  H HB3  B DLY A 1 3 ? 4.17687  1.72612  -0.89655 0.500 14.10844  ? 3   DLY A HB3  1 
HETATM 47  H HG2  A DLY A 1 3 ? 5.56749  3.80180  0.74213  0.500 54.27291  ? 3   DLY A HG2  1 
HETATM 48  H HG2  B DLY A 1 3 ? 5.71333  0.57565  0.47837  0.500 48.18353  ? 3   DLY A HG2  1 
HETATM 49  H HG3  A DLY A 1 3 ? 4.71128  4.08436  -0.55903 0.500 10.66990  ? 3   DLY A HG3  1 
HETATM 50  H HG3  B DLY A 1 3 ? 6.24979  1.96669  1.01374  0.500 27.82302  ? 3   DLY A HG3  1 
HETATM 51  H HD2  A DLY A 1 3 ? 6.36423  3.02405  -1.87159 0.500 16.47368  ? 3   DLY A HD2  1 
HETATM 52  H HD2  B DLY A 1 3 ? 6.43387  1.17168  -1.70526 0.500 17.43133  ? 3   DLY A HD2  1 
HETATM 53  H HD3  A DLY A 1 3 ? 7.21911  2.74491  -0.56509 0.500 81.80580  ? 3   DLY A HD3  1 
HETATM 54  H HD3  B DLY A 1 3 ? 7.63937  1.04638  -0.68173 0.500 68.15933  ? 3   DLY A HD3  1 
HETATM 55  H HE2  A DLY A 1 3 ? 7.70146  4.96933  -0.30501 0.500 19.33286  ? 3   DLY A HE2  1 
HETATM 56  H HE2  B DLY A 1 3 ? 7.81168  3.34907  -0.51586 0.500 70.94365  ? 3   DLY A HE2  1 
HETATM 57  H HE3  A DLY A 1 3 ? 6.62312  5.39312  -1.37933 0.500 73.44384  ? 3   DLY A HE3  1 
HETATM 58  H HE3  B DLY A 1 3 ? 6.49303  3.55182  -1.36204 0.500 52.35254  ? 3   DLY A HE3  1 
HETATM 59  H HZ1  A DLY A 1 3 ? 8.17395  5.33029  -2.80869 0.500 110.91147 ? 3   DLY A HZ1  1 
HETATM 60  H HZ1  B DLY A 1 3 ? 7.62257  3.45069  -3.14534 0.500 111.27888 ? 3   DLY A HZ1  1 
HETATM 61  H HZ2  A DLY A 1 3 ? 9.14134  4.77890  -1.83614 0.500 26.92818  ? 3   DLY A HZ2  1 
HETATM 62  H HZ2  B DLY A 1 3 ? 8.86361  3.45772  -2.34298 0.500 51.28201  ? 3   DLY A HZ2  1 
HETATM 63  H HZ3  A DLY A 1 3 ? 8.29229  3.86729  -2.63130 0.500 89.99484  ? 3   DLY A HZ3  1 
HETATM 64  H HZ3  B DLY A 1 3 ? 8.26508  2.17513  -2.76580 0.500 6.14253   ? 3   DLY A HZ3  1 
HETATM 65  N N    . DHI A 1 4 ? 2.49838  -0.10587 0.64891  1.000 5.63087   ? 4   DHI A N    1 
HETATM 66  C CA   . DHI A 1 4 ? 2.30201  -1.53416 0.85925  1.000 5.69581   ? 4   DHI A CA   1 
HETATM 67  C C    . DHI A 1 4 ? 0.81644  -1.87792 0.79785  1.000 5.41097   ? 4   DHI A C    1 
HETATM 68  O O    . DHI A 1 4 ? 0.36641  -2.59317 -0.10550 1.000 5.91261   ? 4   DHI A O    1 
HETATM 69  C CB   . DHI A 1 4 ? 3.05775  -2.36689 -0.17517 1.000 7.10392   ? 4   DHI A CB   1 
HETATM 70  C CG   . DHI A 1 4 ? 4.52306  -2.10278 -0.20300 1.000 8.58578   ? 4   DHI A CG   1 
HETATM 71  N ND1  . DHI A 1 4 ? 5.34460  -2.26042 0.88684  1.000 12.61388  ? 4   DHI A ND1  1 
HETATM 72  C CD2  . DHI A 1 4 ? 5.30698  -1.68196 -1.21347 1.000 13.24583  ? 4   DHI A CD2  1 
HETATM 73  C CE1  . DHI A 1 4 ? 6.59641  -2.11814 0.49858  1.000 17.55788  ? 4   DHI A CE1  1 
HETATM 74  N NE2  . DHI A 1 4 ? 6.58920  -1.63898 -0.74158 1.000 16.94434  ? 4   DHI A NE2  1 
HETATM 75  H H    . DHI A 1 4 ? 2.05544  0.32307  -0.15025 1.000 7.34849   ? 4   DHI A H    1 
HETATM 76  H HA   . DHI A 1 4 ? 2.63640  -1.76574 1.75327  1.000 6.53780   ? 4   DHI A HA   1 
HETATM 77  H HB2  . DHI A 1 4 ? 2.68650  -2.17986 -1.06614 1.000 79.86484  ? 4   DHI A HB2  1 
HETATM 78  H HB3  . DHI A 1 4 ? 2.91132  -3.31975 0.01586  1.000 7.59855   ? 4   DHI A HB3  1 
HETATM 79  H HD1  . DHI A 1 4 ? 5.08173  -2.41449 1.70239  1.000 123.08255 ? 4   DHI A HD1  1 
HETATM 80  H HD2  . DHI A 1 4 ? 5.02729  -1.45093 -2.07978 1.000 71.20671  ? 4   DHI A HD2  1 
HETATM 81  H HE1  . DHI A 1 4 ? 7.35719  -2.34094 1.00020  1.000 102.86601 ? 4   DHI A HE1  1 
HETATM 82  H HE2  . DHI A 1 4 ? 7.28791  -1.34218 -1.17846 1.000 43.73790  ? 4   DHI A HE2  1 
ATOM   83  N N    . PRO A 1 5 ? 0.00227  -1.39537 1.75450  1.000 5.41776   ? 5   PRO A N    1 
ATOM   84  C CA   . PRO A 1 5 ? -1.37798 -1.87185 1.81693  1.000 5.53081   ? 5   PRO A CA   1 
ATOM   85  C C    . PRO A 1 5 ? -2.14627 -1.50194 0.54713  1.000 5.86742   ? 5   PRO A C    1 
ATOM   86  O O    . PRO A 1 5 ? -2.17748 -0.33586 0.14680  1.000 6.71343   ? 5   PRO A O    1 
ATOM   87  C CB   . PRO A 1 5 ? -1.93045 -1.18363 3.06831  1.000 6.01276   ? 5   PRO A CB   1 
ATOM   88  C CG   . PRO A 1 5 ? -0.69248 -1.04544 3.95514  1.000 6.19722   ? 5   PRO A CG   1 
ATOM   89  C CD   . PRO A 1 5 ? 0.39173  -0.65492 2.97197  1.000 6.13795   ? 5   PRO A CD   1 
ATOM   90  H HA   . PRO A 1 5 ? -1.38193 -2.85214 1.94993  1.000 5.63965   ? 5   PRO A HA   1 
ATOM   91  H HB2  . PRO A 1 5 ? -2.31011 -0.30537 2.85235  1.000 6.32783   ? 5   PRO A HB2  1 
ATOM   92  H HB3  . PRO A 1 5 ? -2.61745 -1.73375 3.50220  1.000 6.86448   ? 5   PRO A HB3  1 
ATOM   93  H HG2  . PRO A 1 5 ? -0.81933 -0.35100 4.63367  1.000 7.39340   ? 5   PRO A HG2  1 
ATOM   94  H HG3  . PRO A 1 5 ? -0.47841 -1.89250 4.39779  1.000 6.52458   ? 5   PRO A HG3  1 
ATOM   95  H HD2  . PRO A 1 5 ? 0.39446  0.30677  2.81295  1.000 6.84330   ? 5   PRO A HD2  1 
ATOM   96  H HD3  . PRO A 1 5 ? 1.27131  -0.93025 3.28934  1.000 5.58092   ? 5   PRO A HD3  1 
HETATM 97  N N    . DGL A 1 6 ? -2.77451 -2.51945 -0.05913 1.000 6.08628   ? 6   DGL A N    1 
HETATM 98  C CA   A DGL A 1 6 ? -3.52562 -2.27089 -1.29215 0.600 7.29628   ? 6   DGL A CA   1 
HETATM 99  C CA   B DGL A 1 6 ? -3.56742 -2.42242 -1.28634 0.400 6.68393   ? 6   DGL A CA   1 
HETATM 100 C C    . DGL A 1 6 ? -2.69969 -2.62941 -2.53860 1.000 6.38359   ? 6   DGL A C    1 
HETATM 101 O O    . DGL A 1 6 ? -3.24721 -2.61119 -3.66156 1.000 6.98354   ? 6   DGL A O    1 
HETATM 102 C CB   A DGL A 1 6 ? -4.86198 -3.00713 -1.27731 0.600 8.86591   ? 6   DGL A CB   1 
HETATM 103 C CB   B DGL A 1 6 ? -4.66792 -3.49297 -1.30551 0.400 8.39877   ? 6   DGL A CB   1 
HETATM 104 C CG   A DGL A 1 6 ? -4.71348 -4.51426 -1.31567 0.600 11.56117  ? 6   DGL A CG   1 
HETATM 105 C CG   B DGL A 1 6 ? -5.85053 -3.16450 -0.41526 0.400 11.10837  ? 6   DGL A CG   1 
HETATM 106 C CD   A DGL A 1 6 ? -5.99798 -5.23248 -1.68926 0.600 16.27727  ? 6   DGL A CD   1 
HETATM 107 C CD   B DGL A 1 6 ? -6.81065 -4.31680 -0.15523 0.400 13.90104  ? 6   DGL A CD   1 
HETATM 108 O OE1  A DGL A 1 6 ? -5.91848 -6.29599 -2.33832 0.600 18.28930  ? 6   DGL A OE1  1 
HETATM 109 O OE1  B DGL A 1 6 ? -6.49863 -5.46281 -0.55889 0.400 14.30234  ? 6   DGL A OE1  1 
HETATM 110 O OE2  A DGL A 1 6 ? -7.08482 -4.71071 -1.35912 0.600 21.41328  ? 6   DGL A OE2  1 
HETATM 111 O OE2  B DGL A 1 6 ? -7.86347 -4.07127 0.47000  0.400 17.32570  ? 6   DGL A OE2  1 
HETATM 112 H H    . DGL A 1 6 ? -2.71004 -3.44134 0.34520  1.000 8.06256   ? 6   DGL A H    1 
HETATM 113 H HA   A DGL A 1 6 ? -3.71924 -1.30614 -1.33309 0.600 80.58736  ? 6   DGL A HA   1 
HETATM 114 H HA   B DGL A 1 6 ? -3.98289 -1.52968 -1.32686 0.400 31.20910  ? 6   DGL A HA   1 
HETATM 115 H HB2  A DGL A 1 6 ? -5.38871 -2.71727 -2.05132 0.600 10.19195  ? 6   DGL A HB2  1 
HETATM 116 H HB2  B DGL A 1 6 ? -4.28007 -4.34649 -1.01925 0.400 13.04629  ? 6   DGL A HB2  1 
HETATM 117 H HB3  A DGL A 1 6 ? -5.35076 -2.75469 -0.46672 0.600 11.87347  ? 6   DGL A HB3  1 
HETATM 118 H HB3  B DGL A 1 6 ? -4.98709 -3.60162 -2.22498 0.400 14.95773  ? 6   DGL A HB3  1 
HETATM 119 H HG2  A DGL A 1 6 ? -4.42360 -4.83121 -0.43348 0.600 21.49840  ? 6   DGL A HG2  1 
HETATM 120 H HG2  B DGL A 1 6 ? -6.35694 -2.42969 -0.82289 0.400 15.37074  ? 6   DGL A HG2  1 
HETATM 121 H HG3  A DGL A 1 6 ? -4.01988 -4.75775 -1.96388 0.600 17.46860  ? 6   DGL A HG3  1 
HETATM 122 H HG3  B DGL A 1 6 ? -5.51473 -2.84554 0.44692  0.400 35.78771  ? 6   DGL A HG3  1 
HETATM 123 O O    . HOH B 2 . ? -3.91939 -6.69869 -3.92107 1.000 19.57637  ? 101 HOH A O    1 
HETATM 124 O O    . HOH B 2 . ? -4.16327 1.15118  1.20433  1.000 40.90576  ? 102 HOH A O    1 
HETATM 125 O O    . HOH B 2 . ? 6.77003  5.34152  -4.41658 1.000 46.42772  ? 103 HOH A O    1 
HETATM 126 O O    . HOH B 2 . ? -4.45745 4.48508  3.78801  1.000 41.66445  ? 104 HOH A O    1 
HETATM 127 O O    . HOH B 2 . ? 10.44497 1.59112  -1.07450 1.000 35.47204  ? 105 HOH A O    1 
HETATM 128 O O    . HOH B 2 . ? -3.06693 2.34633  4.04113  1.000 15.66516  ? 106 HOH A O    1 
HETATM 129 O O    A HOH B 2 . ? 9.56877  -1.68334 -2.20623 0.600 45.34431  ? 107 HOH A O    1 
HETATM 130 O O    B HOH B 2 . ? 11.22732 -0.69607 -2.55549 0.400 34.54882  ? 107 HOH A O    1 
HETATM 131 O O    . HOH B 2 . ? -4.76145 4.75985  1.08505  1.000 52.35446  ? 108 HOH A O    1 
HETATM 132 O O    . HOH B 2 . ? 4.58448  -2.92346 -4.16850 1.000 30.82685  ? 109 HOH A O    1 
HETATM 133 O O    . HOH B 2 . ? 5.34324  7.53389  -3.59929 1.000 60.41059  ? 110 HOH A O    1 
HETATM 134 O O    . HOH B 2 . ? 5.08661  6.96639  0.20511  1.000 48.72985  ? 111 HOH A O    1 
HETATM 135 O O    . HOH B 2 . ? -3.40065 0.43935  6.30847  0.330 13.02365  ? 112 HOH A O    1 
# 
loop_
_atom_site_anisotrop.id 
_atom_site_anisotrop.type_symbol 
_atom_site_anisotrop.pdbx_label_atom_id 
_atom_site_anisotrop.pdbx_label_alt_id 
_atom_site_anisotrop.pdbx_label_comp_id 
_atom_site_anisotrop.pdbx_label_asym_id 
_atom_site_anisotrop.pdbx_label_seq_id 
_atom_site_anisotrop.pdbx_PDB_ins_code 
_atom_site_anisotrop.U[1][1] 
_atom_site_anisotrop.U[2][2] 
_atom_site_anisotrop.U[3][3] 
_atom_site_anisotrop.U[1][2] 
_atom_site_anisotrop.U[1][3] 
_atom_site_anisotrop.U[2][3] 
_atom_site_anisotrop.pdbx_auth_seq_id 
_atom_site_anisotrop.pdbx_auth_comp_id 
_atom_site_anisotrop.pdbx_auth_asym_id 
_atom_site_anisotrop.pdbx_auth_atom_id 
1   N N   . DAL A 1 ? 0.07377 0.10365 0.05457 0.00874  -0.02168 0.00678  1   DAL A N   
2   C CA  . DAL A 1 ? 0.08034 0.09938 0.05311 0.00917  -0.02059 0.00771  1   DAL A CA  
3   C CB  . DAL A 1 ? 0.07965 0.12020 0.06153 0.00910  -0.01929 0.00228  1   DAL A CB  
4   C C   . DAL A 1 ? 0.08190 0.09552 0.06373 0.01108  -0.02352 0.01011  1   DAL A C   
5   O O   . DAL A 1 ? 0.13055 0.10403 0.08521 -0.00859 -0.00321 0.00940  1   DAL A O   
11  N N   . ASN A 2 ? 0.08622 0.09135 0.06097 0.00992  -0.02511 0.00502  2   ASN A N   
12  C CA  . ASN A 2 ? 0.08890 0.09083 0.07109 0.01776  -0.03098 0.00234  2   ASN A CA  
13  C C   . ASN A 2 ? 0.07946 0.08355 0.06821 0.01197  -0.02376 0.00600  2   ASN A C   
14  O O   . ASN A 2 ? 0.07408 0.10114 0.06767 0.00922  -0.02330 0.00971  2   ASN A O   
15  C CB  . ASN A 2 ? 0.08506 0.13007 0.08656 0.03091  -0.03832 -0.01686 2   ASN A CB  
16  C CG  . ASN A 2 ? 0.09977 0.13150 0.10046 0.04418  -0.04803 -0.02269 2   ASN A CG  
17  O OD1 . ASN A 2 ? 0.16137 0.10526 0.11591 0.02676  -0.05788 -0.00544 2   ASN A OD1 
18  N ND2 . ASN A 2 ? 0.10591 0.21990 0.12080 0.03280  -0.03156 -0.06067 2   ASN A ND2 
25  N N   . DLY A 3 ? 0.08810 0.09114 0.07418 0.01453  -0.01514 0.01719  3   DLY A N   
26  C CA  A DLY A 3 ? 0.07943 0.10438 0.08560 0.00854  -0.01418 0.02449  3   DLY A CA  
27  C CA  B DLY A 3 ? 0.07508 0.10256 0.11312 0.01398  -0.01020 0.02455  3   DLY A CA  
28  C C   . DLY A 3 ? 0.05883 0.09265 0.07145 0.01426  -0.01447 0.00929  3   DLY A C   
29  O O   . DLY A 3 ? 0.06722 0.09211 0.07349 0.00969  -0.02438 0.00789  3   DLY A O   
30  C CB  A DLY A 3 ? 0.11045 0.13973 0.13836 0.00209  0.02291  0.02975  3   DLY A CB  
31  C CB  B DLY A 3 ? 0.10218 0.13664 0.13861 0.01758  0.01223  0.03379  3   DLY A CB  
32  C CG  A DLY A 3 ? 0.14374 0.19107 0.17606 -0.03311 0.01640  0.05196  3   DLY A CG  
33  C CG  B DLY A 3 ? 0.08755 0.23563 0.14420 0.01569  0.00007  0.04238  3   DLY A CG  
34  C CD  A DLY A 3 ? 0.19231 0.30959 0.17622 -0.05963 0.05309  0.01937  3   DLY A CD  
35  C CD  B DLY A 3 ? 0.12895 0.27487 0.17073 -0.01719 0.03478  0.01305  3   DLY A CD  
36  C CE  A DLY A 3 ? 0.26309 0.34573 0.26782 -0.10573 0.03274  0.04809  3   DLY A CE  
37  C CE  B DLY A 3 ? 0.19505 0.30322 0.18516 -0.04571 0.03865  0.04472  3   DLY A CE  
38  N NZ  A DLY A 3 ? 0.30485 0.71375 0.39494 -0.06355 0.10403  0.04991  3   DLY A NZ  
39  N NZ  B DLY A 3 ? 0.31600 0.36169 0.32302 -0.05380 0.17184  -0.02098 3   DLY A NZ  
65  N N   . DHI A 4 ? 0.06438 0.08850 0.06106 0.01337  -0.01716 0.01259  4   DHI A N   
66  C CA  . DHI A 4 ? 0.06604 0.08795 0.06243 0.01555  -0.02355 0.00698  4   DHI A CA  
67  C C   . DHI A 4 ? 0.06841 0.08042 0.05676 0.01536  -0.02052 0.01118  4   DHI A C   
68  O O   . DHI A 4 ? 0.06923 0.09752 0.05790 0.01308  -0.02088 0.00254  4   DHI A O   
69  C CB  . DHI A 4 ? 0.07017 0.11112 0.08861 0.02554  -0.02320 -0.00752 4   DHI A CB  
70  C CG  . DHI A 4 ? 0.06440 0.14950 0.11232 0.03180  -0.01778 -0.00151 4   DHI A CG  
71  N ND1 . DHI A 4 ? 0.08731 0.21040 0.18156 0.03260  -0.04956 0.00141  4   DHI A ND1 
72  C CD2 . DHI A 4 ? 0.08136 0.27190 0.15001 0.01909  0.00515  0.02099  4   DHI A CD2 
73  C CE1 . DHI A 4 ? 0.11487 0.29554 0.25671 0.00230  0.01645  -0.02305 4   DHI A CE1 
74  N NE2 . DHI A 4 ? 0.08029 0.29435 0.26916 0.00532  0.02246  0.00808  4   DHI A NE2 
83  N N   . PRO A 5 ? 0.06967 0.07898 0.05720 0.00981  -0.01491 0.00916  5   PRO A N   
84  C CA  . PRO A 5 ? 0.07067 0.08082 0.05866 0.01072  -0.01415 0.01168  5   PRO A CA  
85  C C   . PRO A 5 ? 0.06599 0.09478 0.06217 0.01819  -0.01322 0.01391  5   PRO A C   
86  O O   . PRO A 5 ? 0.08239 0.09734 0.07535 0.02008  -0.01577 0.02407  5   PRO A O   
87  C CB  . PRO A 5 ? 0.08137 0.08523 0.06186 0.01027  -0.00687 0.01031  5   PRO A CB  
88  C CG  . PRO A 5 ? 0.08846 0.08342 0.06360 -0.00106 -0.00948 0.00559  5   PRO A CG  
89  C CD  . PRO A 5 ? 0.08599 0.08437 0.06285 -0.00091 -0.00959 0.00203  5   PRO A CD  
97  N N   . DGL A 6 ? 0.06583 0.10347 0.06195 0.01337  -0.01904 0.01285  6   DGL A N   
98  C CA  A DGL A 6 ? 0.07742 0.13383 0.06597 0.01255  -0.02453 0.01593  6   DGL A CA  
99  C CA  B DGL A 6 ? 0.06542 0.11712 0.07142 0.01967  -0.02504 0.01466  6   DGL A CA  
100 C C   . DGL A 6 ? 0.07417 0.10516 0.06322 0.00892  -0.02639 0.01324  6   DGL A C   
101 O O   . DGL A 6 ? 0.08380 0.11815 0.06339 0.00713  -0.03197 0.01185  6   DGL A O   
102 C CB  A DGL A 6 ? 0.07457 0.16951 0.09279 0.00486  -0.03295 0.02745  6   DGL A CB  
103 C CB  B DGL A 6 ? 0.07467 0.16042 0.08402 -0.00347 -0.02574 0.00605  6   DGL A CB  
104 C CG  A DGL A 6 ? 0.11687 0.17691 0.14549 -0.01041 -0.05903 0.02377  6   DGL A CG  
105 C CG  B DGL A 6 ? 0.08766 0.21015 0.12426 0.01673  -0.00754 0.01769  6   DGL A CG  
106 C CD  A DGL A 6 ? 0.14441 0.24644 0.22761 -0.06737 -0.04853 0.04521  6   DGL A CD  
107 C CD  B DGL A 6 ? 0.12587 0.23166 0.17065 -0.01172 -0.02134 0.02991  6   DGL A CD  
108 O OE1 A DGL A 6 ? 0.21600 0.26140 0.21750 -0.10020 -0.07780 0.03299  6   DGL A OE1 
109 O OE1 B DGL A 6 ? 0.12771 0.24649 0.16922 -0.02364 -0.01374 0.00465  6   DGL A OE1 
110 O OE2 A DGL A 6 ? 0.15379 0.33234 0.32748 -0.03827 -0.04714 0.02110  6   DGL A OE2 
111 O OE2 B DGL A 6 ? 0.14091 0.29493 0.22246 0.00759  0.00043  0.03457  6   DGL A OE2 
123 O O   . HOH B . ? 0.19797 0.32125 0.22459 -0.07394 -0.07528 0.11677  101 HOH A O   
124 O O   . HOH B . ? 0.44422 0.46488 0.64514 0.06756  0.03243  -0.01482 102 HOH A O   
125 O O   . HOH B . ? 0.35665 0.83557 0.57182 -0.25295 -0.07570 0.07337  103 HOH A O   
126 O O   . HOH B . ? 0.59396 0.53491 0.45418 -0.01174 -0.14791 0.10057  104 HOH A O   
127 O O   . HOH B . ? 0.33686 0.57318 0.43773 -0.21198 0.11177  -0.21345 105 HOH A O   
128 O O   . HOH B . ? 0.22336 0.23820 0.13364 -0.01594 -0.00360 -0.00898 106 HOH A O   
129 O O   A HOH B . ? 0.67827 0.56377 0.48083 -0.00940 0.01239  0.10209  107 HOH A O   
130 O O   B HOH B . ? 0.26936 0.46251 0.58082 -0.00606 0.14811  -0.15435 107 HOH A O   
131 O O   . HOH B . ? 0.63218 0.78787 0.56919 0.05764  -0.20234 0.01581  108 HOH A O   
132 O O   . HOH B . ? 0.36827 0.47932 0.32369 0.18648  -0.14286 -0.06759 109 HOH A O   
133 O O   . HOH B . ? 0.87653 0.90902 0.50979 -0.04225 -0.12704 -0.14323 110 HOH A O   
134 O O   . HOH B . ? 0.49886 0.83688 0.51578 0.15775  0.09520  0.19295  111 HOH A O   
135 O O   . HOH B . ? 0.17144 0.14494 0.17845 -0.07237 -0.01683 0.04413  112 HOH A O   
# 
